data_5RB3
#
_entry.id   5RB3
#
_cell.length_a   58.040
_cell.length_b   93.460
_cell.length_c   94.340
_cell.angle_alpha   90.000
_cell.angle_beta   107.860
_cell.angle_gamma   90.000
#
_symmetry.space_group_name_H-M   'P 1 21 1'
#
loop_
_entity.id
_entity.type
_entity.pdbx_description
1 polymer 'Lysine-specific demethylase 3B'
2 non-polymer 1-methyl-3-(thiophen-2-yl)-1H-pyrazol-5-amine
3 non-polymer 'CHLORIDE ION'
4 non-polymer 'MANGANESE (II) ION'
5 water water
#
_entity_poly.entity_id   1
_entity_poly.type   'polypeptide(L)'
_entity_poly.pdbx_seq_one_letter_code
;MHHHHHHSSGVDLGTENLYFQSMTSHSWLCDGRLLCLHDPSNKNNWKIFRECWKQGQPVLVSGVHKKLKSELWKPEAFSQ
EFGDQDVDLVNCRNCAIISDVKVRDFWDGFEIICKRLRSEDGQPMVLKLKDWPPGEDFRDMMPTRFEDLMENLPLPEYTK
RDGRLNLASRLPSYFVRPDLGPKMYNAYGLITAEDRRVGTTNLHLDVSDAVNVMVYVGIPIGEGAHDEEVLKTIDEGDAD
EVTKERIHDHKEKPGALWHIYAAKDAEKIRELLRKVGEEQGQENPPDHDPIHDQSWYLDQTLRKRLYEEYGVQGWAIVQF
LGDAVFIPAGAPHQVHNLYSCIKVAEDFVSPEHVKHCFRLTQEFRHLSNTHT
;
_entity_poly.pdbx_strand_id   A,B
#
loop_
_chem_comp.id
_chem_comp.type
_chem_comp.name
_chem_comp.formula
CL non-polymer 'CHLORIDE ION' 'Cl -1'
MN non-polymer 'MANGANESE (II) ION' 'Mn 2'
MPV non-polymer 1-methyl-3-(thiophen-2-yl)-1H-pyrazol-5-amine 'C8 H9 N3 S'
#
# COMPACT_ATOMS: atom_id res chain seq x y z
N SER A 22 -38.36 -27.79 19.65
CA SER A 22 -39.09 -27.42 18.38
C SER A 22 -38.22 -26.41 17.61
N MET A 23 -38.33 -26.46 16.28
N MET A 23 -38.32 -26.42 16.28
CA MET A 23 -37.75 -25.48 15.32
CA MET A 23 -37.52 -25.53 15.39
C MET A 23 -38.19 -24.08 15.73
C MET A 23 -38.15 -24.12 15.36
N THR A 24 -37.30 -23.09 15.59
CA THR A 24 -37.67 -21.67 15.72
C THR A 24 -36.79 -20.88 14.75
N SER A 25 -37.25 -19.70 14.40
CA SER A 25 -36.54 -18.81 13.43
C SER A 25 -35.18 -18.40 14.00
N HIS A 26 -35.10 -18.12 15.28
CA HIS A 26 -33.88 -17.53 15.92
C HIS A 26 -33.88 -17.65 17.43
N SER A 27 -32.76 -17.29 18.05
CA SER A 27 -32.55 -17.23 19.51
C SER A 27 -31.48 -16.17 19.79
N TRP A 28 -31.21 -15.90 21.07
CA TRP A 28 -30.22 -14.89 21.51
C TRP A 28 -29.06 -15.59 22.23
N LEU A 29 -27.86 -15.07 22.01
CA LEU A 29 -26.66 -15.43 22.80
C LEU A 29 -26.13 -14.11 23.41
N CYS A 30 -25.03 -14.18 24.15
CA CYS A 30 -24.40 -13.01 24.80
C CYS A 30 -25.47 -12.22 25.61
N ASP A 31 -26.29 -12.93 26.41
CA ASP A 31 -27.29 -12.29 27.33
C ASP A 31 -28.28 -11.38 26.59
N GLY A 32 -28.66 -11.79 25.38
CA GLY A 32 -29.58 -11.05 24.49
C GLY A 32 -28.94 -10.10 23.50
N ARG A 33 -27.61 -9.89 23.56
CA ARG A 33 -26.90 -8.90 22.72
C ARG A 33 -26.44 -9.50 21.36
N LEU A 34 -26.60 -10.80 21.12
CA LEU A 34 -26.19 -11.44 19.81
C LEU A 34 -27.37 -12.21 19.21
N LEU A 35 -27.80 -11.80 18.02
CA LEU A 35 -28.81 -12.57 17.23
C LEU A 35 -28.20 -13.86 16.69
N CYS A 36 -28.87 -15.01 16.90
N CYS A 36 -28.91 -14.98 16.84
CA CYS A 36 -28.52 -16.32 16.28
CA CYS A 36 -28.55 -16.31 16.28
C CYS A 36 -29.67 -16.80 15.39
C CYS A 36 -29.68 -16.81 15.37
N LEU A 37 -29.49 -16.70 14.05
CA LEU A 37 -30.48 -17.21 13.06
C LEU A 37 -30.29 -18.72 12.90
N HIS A 38 -31.39 -19.51 12.81
CA HIS A 38 -31.29 -20.99 12.79
C HIS A 38 -31.36 -21.66 11.40
N ASP A 39 -31.96 -21.02 10.40
CA ASP A 39 -32.20 -21.57 9.06
C ASP A 39 -31.41 -20.68 8.12
N PRO A 40 -30.26 -21.14 7.60
CA PRO A 40 -29.44 -20.29 6.74
C PRO A 40 -30.09 -19.85 5.42
N SER A 41 -31.12 -20.54 4.91
CA SER A 41 -31.74 -20.27 3.60
C SER A 41 -33.18 -19.75 3.75
N ASN A 42 -33.60 -19.36 4.98
CA ASN A 42 -34.94 -18.76 5.18
C ASN A 42 -35.00 -17.39 4.45
N LYS A 43 -35.91 -17.25 3.46
CA LYS A 43 -36.12 -16.00 2.67
C LYS A 43 -36.56 -14.82 3.55
N ASN A 44 -36.98 -15.01 4.80
CA ASN A 44 -37.41 -13.91 5.72
C ASN A 44 -36.32 -13.54 6.75
N ASN A 45 -35.09 -14.09 6.66
CA ASN A 45 -33.99 -13.77 7.61
C ASN A 45 -33.72 -12.25 7.66
N TRP A 46 -33.77 -11.56 6.53
CA TRP A 46 -33.46 -10.12 6.46
C TRP A 46 -34.33 -9.30 7.44
N LYS A 47 -35.59 -9.73 7.65
CA LYS A 47 -36.52 -8.95 8.53
C LYS A 47 -36.04 -8.92 9.98
N ILE A 48 -35.38 -9.99 10.44
CA ILE A 48 -34.80 -10.16 11.80
C ILE A 48 -33.37 -9.55 11.87
N PHE A 49 -32.57 -9.77 10.83
CA PHE A 49 -31.16 -9.34 10.72
C PHE A 49 -30.98 -7.83 10.66
N ARG A 50 -31.85 -7.17 9.89
N ARG A 50 -31.80 -7.14 9.86
CA ARG A 50 -31.64 -5.78 9.38
CA ARG A 50 -31.40 -5.78 9.43
C ARG A 50 -31.45 -4.81 10.55
C ARG A 50 -31.39 -4.79 10.61
N GLU A 51 -32.27 -4.92 11.60
CA GLU A 51 -32.20 -3.95 12.74
C GLU A 51 -30.94 -4.18 13.59
N CYS A 52 -30.58 -5.44 13.88
CA CYS A 52 -29.36 -5.75 14.65
C CYS A 52 -28.12 -5.22 13.88
N TRP A 53 -28.12 -5.41 12.60
CA TRP A 53 -27.01 -5.00 11.69
C TRP A 53 -26.86 -3.48 11.64
N LYS A 54 -27.97 -2.76 11.52
CA LYS A 54 -27.99 -1.29 11.49
C LYS A 54 -27.36 -0.73 12.77
N GLN A 55 -27.57 -1.36 13.94
CA GLN A 55 -27.00 -0.97 15.26
C GLN A 55 -25.53 -1.33 15.41
N GLY A 56 -24.91 -1.99 14.44
CA GLY A 56 -23.44 -2.24 14.47
C GLY A 56 -23.11 -3.52 15.22
N GLN A 57 -24.08 -4.41 15.48
CA GLN A 57 -23.83 -5.72 16.14
C GLN A 57 -23.33 -6.78 15.16
N PRO A 58 -22.47 -7.70 15.60
CA PRO A 58 -22.24 -8.94 14.85
C PRO A 58 -23.50 -9.80 14.91
N VAL A 59 -23.60 -10.83 14.03
CA VAL A 59 -24.73 -11.77 13.95
C VAL A 59 -24.14 -13.16 13.70
N LEU A 60 -24.78 -14.20 14.27
CA LEU A 60 -24.38 -15.60 13.98
C LEU A 60 -25.52 -16.28 13.20
N VAL A 61 -25.18 -17.13 12.20
CA VAL A 61 -26.15 -17.99 11.48
C VAL A 61 -25.66 -19.44 11.57
N SER A 62 -26.46 -20.32 12.16
CA SER A 62 -26.08 -21.75 12.33
C SER A 62 -26.62 -22.61 11.15
N GLY A 63 -25.94 -23.75 10.91
CA GLY A 63 -26.46 -24.80 10.02
C GLY A 63 -25.94 -24.77 8.60
N VAL A 64 -24.96 -23.95 8.24
CA VAL A 64 -24.51 -23.81 6.83
C VAL A 64 -23.86 -25.14 6.34
N HIS A 65 -23.23 -25.89 7.22
CA HIS A 65 -22.55 -27.18 6.86
C HIS A 65 -23.57 -28.16 6.27
N LYS A 66 -24.82 -28.12 6.73
CA LYS A 66 -25.90 -29.01 6.22
C LYS A 66 -26.25 -28.68 4.74
N LYS A 67 -25.88 -27.51 4.24
CA LYS A 67 -26.15 -27.05 2.86
C LYS A 67 -25.00 -27.41 1.89
N LEU A 68 -23.79 -27.75 2.38
CA LEU A 68 -22.57 -27.87 1.55
C LEU A 68 -22.34 -29.36 1.14
N LYS A 69 -21.46 -29.58 0.18
CA LYS A 69 -20.99 -30.95 -0.22
C LYS A 69 -19.79 -31.30 0.67
N SER A 70 -20.03 -32.05 1.73
CA SER A 70 -19.03 -32.34 2.79
C SER A 70 -17.73 -32.89 2.20
N GLU A 71 -17.80 -33.69 1.13
CA GLU A 71 -16.55 -34.28 0.56
C GLU A 71 -15.61 -33.20 -0.04
N LEU A 72 -16.09 -31.98 -0.38
CA LEU A 72 -15.25 -30.91 -0.96
C LEU A 72 -14.42 -30.23 0.13
N TRP A 73 -14.72 -30.41 1.41
CA TRP A 73 -14.17 -29.56 2.51
C TRP A 73 -13.31 -30.39 3.49
N LYS A 74 -12.84 -31.57 3.08
CA LYS A 74 -12.01 -32.45 3.95
C LYS A 74 -10.53 -32.13 3.75
N PRO A 75 -9.72 -32.15 4.83
CA PRO A 75 -8.26 -31.98 4.73
C PRO A 75 -7.54 -32.98 3.80
N GLU A 76 -8.01 -34.23 3.79
CA GLU A 76 -7.38 -35.28 2.91
C GLU A 76 -7.58 -34.96 1.41
N ALA A 77 -8.71 -34.37 1.04
CA ALA A 77 -8.94 -33.97 -0.36
C ALA A 77 -8.03 -32.79 -0.74
N PHE A 78 -7.85 -31.77 0.12
CA PHE A 78 -6.94 -30.65 -0.20
C PHE A 78 -5.50 -31.20 -0.42
N SER A 79 -5.09 -32.14 0.43
CA SER A 79 -3.72 -32.70 0.35
C SER A 79 -3.52 -33.46 -0.96
N GLN A 80 -4.49 -34.29 -1.33
CA GLN A 80 -4.47 -35.12 -2.58
C GLN A 80 -4.44 -34.23 -3.84
N GLU A 81 -5.25 -33.16 -3.89
CA GLU A 81 -5.41 -32.32 -5.11
C GLU A 81 -4.30 -31.27 -5.25
N PHE A 82 -3.81 -30.69 -4.15
CA PHE A 82 -2.97 -29.47 -4.16
C PHE A 82 -1.66 -29.68 -3.39
N GLY A 83 -1.35 -30.90 -2.94
CA GLY A 83 -0.24 -31.17 -2.01
C GLY A 83 1.15 -30.80 -2.47
N ASP A 84 1.40 -30.74 -3.80
CA ASP A 84 2.76 -30.41 -4.34
C ASP A 84 2.97 -28.88 -4.48
N GLN A 85 1.98 -28.04 -4.12
CA GLN A 85 2.21 -26.57 -4.12
C GLN A 85 3.17 -26.12 -3.02
N ASP A 86 3.98 -25.12 -3.33
CA ASP A 86 4.96 -24.50 -2.40
C ASP A 86 4.26 -23.38 -1.58
N VAL A 87 4.47 -23.35 -0.27
CA VAL A 87 3.76 -22.40 0.65
C VAL A 87 4.68 -22.03 1.80
N ASP A 88 4.31 -20.98 2.55
CA ASP A 88 4.92 -20.66 3.85
C ASP A 88 3.88 -20.93 4.95
N LEU A 89 4.35 -21.37 6.12
CA LEU A 89 3.56 -21.55 7.35
C LEU A 89 4.02 -20.55 8.40
N VAL A 90 3.18 -20.32 9.38
CA VAL A 90 3.47 -19.54 10.61
C VAL A 90 3.37 -20.43 11.85
N ASN A 91 4.40 -20.41 12.69
CA ASN A 91 4.36 -21.03 14.03
C ASN A 91 3.53 -20.08 14.94
N CYS A 92 2.32 -20.49 15.32
CA CYS A 92 1.38 -19.60 16.06
C CYS A 92 2.00 -19.20 17.41
N ARG A 93 2.81 -20.05 18.03
CA ARG A 93 3.33 -19.83 19.41
C ARG A 93 4.33 -18.66 19.45
N ASN A 94 5.13 -18.41 18.41
CA ASN A 94 6.24 -17.40 18.42
C ASN A 94 6.28 -16.55 17.14
N CYS A 95 5.31 -16.67 16.23
CA CYS A 95 5.24 -15.98 14.92
C CYS A 95 6.41 -16.29 13.96
N ALA A 96 7.25 -17.29 14.21
CA ALA A 96 8.32 -17.67 13.27
C ALA A 96 7.69 -18.14 11.95
N ILE A 97 8.34 -17.80 10.84
CA ILE A 97 7.93 -18.21 9.47
C ILE A 97 8.70 -19.47 9.05
N ILE A 98 7.96 -20.51 8.68
CA ILE A 98 8.52 -21.73 8.04
C ILE A 98 8.36 -21.55 6.53
N SER A 99 9.48 -21.30 5.84
CA SER A 99 9.51 -20.88 4.41
C SER A 99 9.60 -22.06 3.46
N ASP A 100 8.82 -21.99 2.37
CA ASP A 100 9.02 -22.77 1.15
C ASP A 100 8.96 -24.28 1.46
N VAL A 101 7.85 -24.74 2.04
CA VAL A 101 7.58 -26.17 2.29
C VAL A 101 6.38 -26.56 1.44
N LYS A 102 6.05 -27.82 1.33
CA LYS A 102 4.94 -28.31 0.50
C LYS A 102 3.64 -28.16 1.30
N VAL A 103 2.55 -27.83 0.63
CA VAL A 103 1.26 -27.71 1.38
C VAL A 103 0.81 -29.06 1.98
N ARG A 104 1.19 -30.22 1.44
CA ARG A 104 0.89 -31.52 2.10
C ARG A 104 1.52 -31.61 3.51
N ASP A 105 2.65 -30.94 3.78
CA ASP A 105 3.30 -30.99 5.12
C ASP A 105 2.34 -30.34 6.16
N PHE A 106 1.55 -29.33 5.75
CA PHE A 106 0.47 -28.78 6.63
C PHE A 106 -0.71 -29.74 6.72
N TRP A 107 -1.30 -30.14 5.59
CA TRP A 107 -2.59 -30.88 5.60
C TRP A 107 -2.48 -32.29 6.21
N ASP A 108 -1.36 -32.99 5.99
CA ASP A 108 -1.23 -34.38 6.52
C ASP A 108 -1.16 -34.41 8.05
N GLY A 109 -0.76 -33.32 8.74
CA GLY A 109 -0.78 -33.28 10.19
C GLY A 109 -1.99 -32.50 10.78
N PHE A 110 -3.01 -32.23 9.99
CA PHE A 110 -4.16 -31.37 10.46
C PHE A 110 -4.83 -32.00 11.68
N GLU A 111 -5.08 -33.32 11.62
CA GLU A 111 -5.83 -34.05 12.69
C GLU A 111 -4.98 -35.14 13.36
N ILE A 112 -4.03 -35.68 12.61
CA ILE A 112 -3.22 -36.83 13.10
C ILE A 112 -1.92 -36.26 13.68
N ILE A 113 -1.84 -36.12 15.00
CA ILE A 113 -0.75 -35.40 15.67
C ILE A 113 0.60 -36.10 15.43
N CYS A 114 0.66 -37.45 15.33
CA CYS A 114 1.94 -38.21 15.09
C CYS A 114 2.53 -37.84 13.71
N LYS A 115 1.82 -37.13 12.82
CA LYS A 115 2.36 -36.75 11.47
C LYS A 115 2.76 -35.28 11.47
N ARG A 116 2.48 -34.52 12.54
CA ARG A 116 2.81 -33.05 12.55
C ARG A 116 4.29 -32.72 12.64
N LEU A 117 4.70 -31.68 11.93
CA LEU A 117 6.01 -31.03 12.12
C LEU A 117 6.23 -30.76 13.62
N ARG A 118 7.45 -30.99 14.10
CA ARG A 118 7.86 -30.82 15.51
C ARG A 118 8.89 -29.68 15.57
N SER A 119 8.83 -28.83 16.61
CA SER A 119 9.86 -27.82 16.91
C SER A 119 11.11 -28.52 17.50
N GLU A 120 12.15 -27.72 17.74
CA GLU A 120 13.46 -28.17 18.32
C GLU A 120 13.26 -28.89 19.67
N ASP A 121 12.33 -28.46 20.52
CA ASP A 121 11.98 -29.08 21.82
C ASP A 121 11.38 -30.48 21.62
N GLY A 122 11.05 -30.88 20.37
CA GLY A 122 10.43 -32.17 20.04
C GLY A 122 8.91 -32.19 20.18
N GLN A 123 8.26 -31.04 20.40
CA GLN A 123 6.78 -31.03 20.54
C GLN A 123 6.12 -30.81 19.19
N PRO A 124 4.90 -31.33 19.01
CA PRO A 124 4.13 -31.01 17.81
C PRO A 124 3.82 -29.49 17.77
N MET A 125 4.01 -28.86 16.62
CA MET A 125 3.79 -27.39 16.45
C MET A 125 2.31 -27.05 16.24
N VAL A 126 1.94 -25.82 16.60
CA VAL A 126 0.62 -25.27 16.19
C VAL A 126 0.86 -24.35 15.01
N LEU A 127 0.38 -24.72 13.81
CA LEU A 127 0.75 -24.02 12.54
C LEU A 127 -0.49 -23.37 11.95
N LYS A 128 -0.23 -22.26 11.25
CA LYS A 128 -1.20 -21.58 10.36
C LYS A 128 -0.65 -21.65 8.94
N LEU A 129 -1.50 -21.99 7.99
CA LEU A 129 -1.17 -21.96 6.54
C LEU A 129 -1.42 -20.56 5.99
N LYS A 130 -0.36 -19.87 5.59
CA LYS A 130 -0.40 -18.43 5.24
C LYS A 130 -0.85 -18.26 3.79
N ASP A 131 -1.86 -17.40 3.54
CA ASP A 131 -2.20 -16.87 2.19
C ASP A 131 -2.32 -18.03 1.19
N TRP A 132 -3.25 -18.93 1.44
CA TRP A 132 -3.51 -20.09 0.55
C TRP A 132 -4.99 -20.38 0.49
N PRO A 133 -5.60 -20.52 -0.72
CA PRO A 133 -5.03 -20.09 -1.99
C PRO A 133 -4.53 -18.64 -1.97
N PRO A 134 -3.46 -18.30 -2.73
CA PRO A 134 -2.87 -16.98 -2.64
C PRO A 134 -3.69 -15.85 -3.32
N GLY A 135 -3.57 -14.65 -2.75
CA GLY A 135 -4.29 -13.45 -3.22
C GLY A 135 -5.73 -13.75 -3.58
N GLU A 136 -6.12 -13.48 -4.82
CA GLU A 136 -7.51 -13.59 -5.32
C GLU A 136 -7.70 -14.89 -6.08
N ASP A 137 -6.83 -15.91 -5.91
CA ASP A 137 -6.81 -17.12 -6.78
C ASP A 137 -7.80 -18.22 -6.37
N PHE A 138 -8.61 -18.09 -5.29
CA PHE A 138 -9.53 -19.17 -4.88
C PHE A 138 -10.43 -19.67 -6.02
N ARG A 139 -11.11 -18.77 -6.73
CA ARG A 139 -12.11 -19.15 -7.76
C ARG A 139 -11.42 -19.93 -8.89
N ASP A 140 -10.26 -19.46 -9.34
CA ASP A 140 -9.50 -20.11 -10.45
C ASP A 140 -8.98 -21.48 -10.00
N MET A 141 -8.45 -21.58 -8.77
CA MET A 141 -7.79 -22.82 -8.29
C MET A 141 -8.85 -23.85 -7.92
N MET A 142 -9.96 -23.40 -7.32
CA MET A 142 -11.00 -24.33 -6.82
C MET A 142 -12.39 -23.90 -7.28
N PRO A 143 -12.72 -24.01 -8.59
CA PRO A 143 -14.03 -23.58 -9.06
C PRO A 143 -15.22 -24.31 -8.43
N THR A 144 -15.17 -25.63 -8.14
CA THR A 144 -16.28 -26.38 -7.56
C THR A 144 -16.54 -25.93 -6.09
N ARG A 145 -15.48 -25.72 -5.32
CA ARG A 145 -15.61 -25.19 -3.93
C ARG A 145 -16.22 -23.78 -3.97
N PHE A 146 -15.76 -22.93 -4.89
CA PHE A 146 -16.27 -21.54 -5.05
C PHE A 146 -17.79 -21.56 -5.27
N GLU A 147 -18.28 -22.39 -6.20
CA GLU A 147 -19.74 -22.55 -6.46
C GLU A 147 -20.46 -23.03 -5.20
N ASP A 148 -19.95 -24.05 -4.51
CA ASP A 148 -20.67 -24.72 -3.39
C ASP A 148 -20.83 -23.69 -2.24
N LEU A 149 -19.81 -22.88 -2.02
CA LEU A 149 -19.85 -21.84 -0.96
C LEU A 149 -20.77 -20.70 -1.40
N MET A 150 -20.50 -20.08 -2.55
CA MET A 150 -21.23 -18.81 -2.90
C MET A 150 -22.74 -19.07 -3.02
N GLU A 151 -23.17 -20.25 -3.50
CA GLU A 151 -24.61 -20.63 -3.65
C GLU A 151 -25.28 -20.87 -2.30
N ASN A 152 -24.53 -21.00 -1.19
CA ASN A 152 -25.12 -21.43 0.12
C ASN A 152 -24.82 -20.37 1.23
N LEU A 153 -24.18 -19.29 0.89
CA LEU A 153 -24.02 -18.15 1.86
C LEU A 153 -25.37 -17.62 2.33
N PRO A 154 -25.54 -17.42 3.65
CA PRO A 154 -26.74 -16.75 4.19
C PRO A 154 -26.81 -15.26 3.85
N LEU A 155 -28.01 -14.66 3.99
CA LEU A 155 -28.28 -13.22 3.70
C LEU A 155 -27.74 -12.87 2.31
N PRO A 156 -28.17 -13.64 1.28
CA PRO A 156 -27.53 -13.53 -0.05
C PRO A 156 -27.68 -12.15 -0.73
N GLU A 157 -28.69 -11.34 -0.37
CA GLU A 157 -28.77 -9.97 -0.95
C GLU A 157 -27.58 -9.11 -0.48
N TYR A 158 -27.08 -9.36 0.74
CA TYR A 158 -25.87 -8.71 1.28
C TYR A 158 -24.59 -9.38 0.79
N THR A 159 -24.52 -10.72 0.75
CA THR A 159 -23.20 -11.42 0.71
C THR A 159 -22.77 -11.87 -0.70
N LYS A 160 -23.67 -12.03 -1.63
CA LYS A 160 -23.29 -12.45 -3.02
C LYS A 160 -22.64 -11.28 -3.76
N ARG A 161 -21.71 -11.59 -4.68
CA ARG A 161 -20.92 -10.58 -5.43
C ARG A 161 -21.84 -9.52 -6.04
N ASP A 162 -22.98 -9.93 -6.55
CA ASP A 162 -23.98 -9.07 -7.24
C ASP A 162 -25.28 -8.94 -6.42
N GLY A 163 -25.28 -9.20 -5.12
CA GLY A 163 -26.50 -9.01 -4.32
C GLY A 163 -26.94 -7.56 -4.38
N ARG A 164 -28.25 -7.31 -4.29
CA ARG A 164 -28.81 -5.92 -4.38
C ARG A 164 -28.33 -5.03 -3.22
N LEU A 165 -28.02 -5.59 -2.05
CA LEU A 165 -27.55 -4.76 -0.92
C LEU A 165 -26.04 -4.88 -0.71
N ASN A 166 -25.31 -5.37 -1.71
CA ASN A 166 -23.84 -5.34 -1.68
C ASN A 166 -23.35 -4.25 -2.64
N LEU A 167 -22.81 -3.18 -2.10
CA LEU A 167 -22.38 -2.00 -2.91
C LEU A 167 -20.95 -2.21 -3.49
N ALA A 168 -20.29 -3.33 -3.23
CA ALA A 168 -18.87 -3.54 -3.64
C ALA A 168 -18.67 -3.24 -5.13
N SER A 169 -19.53 -3.70 -6.01
CA SER A 169 -19.33 -3.53 -7.48
C SER A 169 -19.86 -2.18 -7.96
N ARG A 170 -20.42 -1.36 -7.10
CA ARG A 170 -21.19 -0.13 -7.49
C ARG A 170 -20.55 1.13 -6.92
N LEU A 171 -19.35 1.11 -6.38
CA LEU A 171 -18.83 2.34 -5.73
C LEU A 171 -17.67 2.93 -6.52
N PRO A 172 -17.54 4.27 -6.51
CA PRO A 172 -16.39 4.91 -7.16
C PRO A 172 -15.14 4.80 -6.28
N SER A 173 -14.02 5.29 -6.81
CA SER A 173 -12.67 5.22 -6.18
C SER A 173 -12.54 6.06 -4.90
N TYR A 174 -13.53 6.88 -4.56
CA TYR A 174 -13.62 7.59 -3.27
C TYR A 174 -13.80 6.59 -2.09
N PHE A 175 -14.01 5.32 -2.40
CA PHE A 175 -14.27 4.23 -1.42
C PHE A 175 -13.19 3.15 -1.58
N VAL A 176 -12.67 2.65 -0.47
CA VAL A 176 -11.79 1.45 -0.47
C VAL A 176 -12.68 0.23 -0.77
N ARG A 177 -12.40 -0.48 -1.86
CA ARG A 177 -13.19 -1.64 -2.31
C ARG A 177 -12.51 -2.92 -1.82
N PRO A 178 -13.26 -3.96 -1.43
CA PRO A 178 -12.64 -5.22 -1.04
C PRO A 178 -12.01 -5.97 -2.20
N ASP A 179 -11.06 -6.86 -1.91
CA ASP A 179 -10.47 -7.77 -2.92
C ASP A 179 -11.58 -8.70 -3.38
N LEU A 180 -11.38 -9.35 -4.52
CA LEU A 180 -12.26 -10.45 -5.01
C LEU A 180 -11.97 -11.69 -4.14
N GLY A 181 -13.02 -12.34 -3.65
CA GLY A 181 -12.88 -13.40 -2.61
C GLY A 181 -13.43 -14.70 -3.19
N PRO A 182 -13.74 -15.70 -2.38
CA PRO A 182 -13.45 -15.68 -0.95
C PRO A 182 -11.98 -15.93 -0.59
N LYS A 183 -11.67 -15.91 0.71
CA LYS A 183 -10.33 -16.22 1.28
C LYS A 183 -10.48 -17.37 2.29
N MET A 184 -9.54 -18.33 2.27
CA MET A 184 -9.57 -19.51 3.13
C MET A 184 -8.59 -19.26 4.29
N TYR A 185 -8.97 -19.65 5.50
CA TYR A 185 -8.19 -19.47 6.75
C TYR A 185 -8.06 -20.83 7.42
N ASN A 186 -6.85 -21.41 7.37
CA ASN A 186 -6.54 -22.81 7.77
C ASN A 186 -5.46 -22.80 8.86
N ALA A 187 -5.76 -23.37 10.00
CA ALA A 187 -4.83 -23.39 11.15
C ALA A 187 -5.17 -24.49 12.12
N TYR A 188 -4.14 -25.03 12.79
CA TYR A 188 -4.32 -26.03 13.85
C TYR A 188 -4.97 -25.40 15.11
N GLY A 189 -5.44 -26.24 16.03
CA GLY A 189 -5.98 -25.76 17.33
C GLY A 189 -4.84 -25.44 18.27
N LEU A 190 -4.98 -24.42 19.11
CA LEU A 190 -4.07 -24.18 20.25
C LEU A 190 -4.34 -25.25 21.31
N ILE A 191 -3.27 -25.66 22.02
CA ILE A 191 -3.29 -26.94 22.80
C ILE A 191 -3.15 -26.71 24.31
N THR A 192 -2.10 -26.05 24.74
CA THR A 192 -1.60 -26.03 26.13
C THR A 192 -2.26 -24.91 26.94
N ALA A 193 -2.08 -24.95 28.27
CA ALA A 193 -2.43 -23.80 29.15
C ALA A 193 -1.70 -22.52 28.72
N GLU A 194 -0.41 -22.56 28.39
CA GLU A 194 0.38 -21.40 27.91
C GLU A 194 -0.21 -20.90 26.58
N ASP A 195 -0.66 -21.81 25.73
CA ASP A 195 -1.31 -21.41 24.45
C ASP A 195 -2.62 -20.56 24.61
N ARG A 196 -3.24 -20.53 25.80
CA ARG A 196 -4.56 -19.83 25.97
C ARG A 196 -4.39 -18.34 25.63
N ARG A 197 -3.23 -17.75 25.91
CA ARG A 197 -2.97 -16.30 25.70
C ARG A 197 -2.49 -15.94 24.29
N VAL A 198 -2.43 -16.91 23.35
CA VAL A 198 -1.94 -16.72 21.96
C VAL A 198 -3.14 -16.60 21.01
N GLY A 199 -3.07 -15.75 19.99
CA GLY A 199 -4.13 -15.73 18.96
C GLY A 199 -3.78 -16.60 17.77
N THR A 200 -4.78 -17.12 17.12
CA THR A 200 -4.67 -17.66 15.75
C THR A 200 -4.59 -16.48 14.77
N THR A 201 -5.52 -15.49 14.92
CA THR A 201 -5.48 -14.21 14.21
C THR A 201 -5.56 -13.09 15.28
N ASN A 202 -4.54 -12.26 15.34
CA ASN A 202 -4.47 -11.17 16.32
C ASN A 202 -5.57 -10.11 16.07
N LEU A 203 -5.76 -9.27 17.10
CA LEU A 203 -6.73 -8.14 17.06
C LEU A 203 -6.46 -7.24 15.87
N HIS A 204 -7.46 -6.97 15.04
CA HIS A 204 -7.38 -6.14 13.84
C HIS A 204 -8.78 -5.65 13.44
N LEU A 205 -8.87 -4.75 12.45
CA LEU A 205 -10.19 -4.42 11.89
C LEU A 205 -10.08 -4.36 10.35
N ASP A 206 -11.23 -4.46 9.69
CA ASP A 206 -11.38 -4.41 8.22
C ASP A 206 -12.33 -3.24 7.88
N VAL A 207 -12.10 -2.54 6.76
CA VAL A 207 -13.00 -1.41 6.38
C VAL A 207 -14.23 -1.89 5.58
N SER A 208 -14.28 -3.17 5.22
N SER A 208 -14.25 -3.16 5.20
CA SER A 208 -15.45 -3.84 4.61
CA SER A 208 -15.41 -3.86 4.59
C SER A 208 -16.12 -4.79 5.62
C SER A 208 -16.14 -4.72 5.66
N ASP A 209 -17.40 -5.09 5.39
CA ASP A 209 -18.10 -6.11 6.18
C ASP A 209 -17.51 -7.48 5.78
N ALA A 210 -17.70 -8.50 6.60
CA ALA A 210 -17.35 -9.89 6.18
C ALA A 210 -18.30 -10.91 6.76
N VAL A 211 -18.45 -12.06 6.07
CA VAL A 211 -19.12 -13.27 6.58
C VAL A 211 -18.06 -14.38 6.60
N ASN A 212 -17.89 -15.03 7.73
CA ASN A 212 -16.85 -16.07 7.94
C ASN A 212 -17.56 -17.39 8.25
N VAL A 213 -17.39 -18.42 7.39
CA VAL A 213 -18.10 -19.73 7.55
C VAL A 213 -17.11 -20.82 8.01
N MET A 214 -17.44 -21.53 9.08
CA MET A 214 -16.66 -22.71 9.56
C MET A 214 -17.13 -23.93 8.74
N VAL A 215 -16.27 -24.42 7.82
CA VAL A 215 -16.67 -25.51 6.87
C VAL A 215 -16.14 -26.86 7.35
N TYR A 216 -15.15 -26.88 8.25
CA TYR A 216 -14.62 -28.18 8.78
C TYR A 216 -13.95 -27.94 10.14
N VAL A 217 -14.15 -28.87 11.10
CA VAL A 217 -13.41 -28.89 12.38
C VAL A 217 -12.77 -30.28 12.57
N GLY A 218 -11.45 -30.29 12.75
CA GLY A 218 -10.68 -31.52 13.05
C GLY A 218 -10.35 -31.62 14.51
N ILE A 219 -10.92 -32.63 15.19
CA ILE A 219 -10.67 -32.92 16.62
C ILE A 219 -9.79 -34.15 16.74
N PRO A 220 -8.50 -34.02 17.12
CA PRO A 220 -7.61 -35.19 17.22
C PRO A 220 -8.11 -36.19 18.26
N ILE A 221 -7.97 -37.49 17.97
CA ILE A 221 -8.28 -38.58 18.94
C ILE A 221 -6.99 -39.36 19.21
N GLY A 222 -6.87 -39.94 20.40
CA GLY A 222 -5.67 -40.70 20.80
C GLY A 222 -4.50 -39.79 21.09
N GLU A 223 -3.39 -39.98 20.38
CA GLU A 223 -2.00 -39.66 20.85
C GLU A 223 -1.87 -38.23 21.39
N GLY A 224 -2.50 -37.23 20.77
CA GLY A 224 -2.36 -35.82 21.19
C GLY A 224 -3.68 -35.14 21.49
N ALA A 225 -4.70 -35.87 21.95
CA ALA A 225 -6.01 -35.28 22.35
C ALA A 225 -5.78 -34.24 23.46
N HIS A 226 -6.53 -33.15 23.41
CA HIS A 226 -6.41 -32.01 24.37
C HIS A 226 -7.79 -31.47 24.73
N ASP A 227 -8.78 -32.36 24.90
CA ASP A 227 -10.20 -31.96 25.13
C ASP A 227 -10.34 -31.32 26.52
N GLU A 228 -9.50 -31.70 27.48
CA GLU A 228 -9.62 -31.25 28.89
C GLU A 228 -9.38 -29.72 28.94
N GLU A 229 -8.32 -29.23 28.29
CA GLU A 229 -7.90 -27.79 28.34
C GLU A 229 -8.84 -26.91 27.49
N VAL A 230 -9.49 -27.43 26.45
CA VAL A 230 -10.59 -26.72 25.72
C VAL A 230 -11.73 -26.44 26.71
N LEU A 231 -12.19 -27.46 27.44
CA LEU A 231 -13.29 -27.33 28.43
C LEU A 231 -12.90 -26.38 29.57
N LYS A 232 -11.66 -26.44 30.05
CA LYS A 232 -11.14 -25.50 31.08
C LYS A 232 -11.16 -24.05 30.54
N THR A 233 -10.82 -23.85 29.26
CA THR A 233 -10.73 -22.52 28.61
C THR A 233 -12.13 -21.90 28.56
N ILE A 234 -13.14 -22.65 28.12
CA ILE A 234 -14.55 -22.17 28.07
C ILE A 234 -15.07 -21.93 29.50
N ASP A 235 -14.79 -22.83 30.45
CA ASP A 235 -15.38 -22.72 31.81
C ASP A 235 -14.79 -21.54 32.58
N GLU A 236 -13.51 -21.20 32.37
CA GLU A 236 -12.79 -20.14 33.12
C GLU A 236 -12.91 -18.77 32.41
N GLY A 237 -13.54 -18.71 31.24
CA GLY A 237 -13.57 -17.51 30.38
C GLY A 237 -14.88 -16.75 30.45
N ASP A 238 -15.13 -15.87 29.47
CA ASP A 238 -16.17 -14.81 29.50
C ASP A 238 -17.41 -15.20 28.67
N ALA A 239 -17.52 -16.45 28.20
CA ALA A 239 -18.65 -16.91 27.36
C ALA A 239 -19.95 -16.90 28.16
N ASP A 240 -21.10 -16.82 27.48
CA ASP A 240 -22.41 -16.79 28.19
C ASP A 240 -22.86 -18.23 28.51
N GLU A 241 -23.88 -18.35 29.37
CA GLU A 241 -24.32 -19.68 29.92
C GLU A 241 -24.90 -20.58 28.83
N VAL A 242 -25.58 -19.97 27.84
CA VAL A 242 -26.18 -20.70 26.70
C VAL A 242 -25.04 -21.20 25.79
N THR A 243 -24.02 -20.36 25.55
CA THR A 243 -22.76 -20.79 24.86
C THR A 243 -22.13 -21.93 25.69
N LYS A 244 -22.03 -21.77 27.01
CA LYS A 244 -21.43 -22.81 27.89
C LYS A 244 -22.26 -24.10 27.81
N GLU A 245 -23.59 -23.98 27.78
CA GLU A 245 -24.54 -25.12 27.57
C GLU A 245 -24.14 -25.83 26.26
N ARG A 246 -24.01 -25.10 25.14
CA ARG A 246 -23.77 -25.67 23.78
C ARG A 246 -22.44 -26.45 23.79
N ILE A 247 -21.41 -25.98 24.49
CA ILE A 247 -20.12 -26.72 24.67
C ILE A 247 -20.38 -28.05 25.39
N HIS A 248 -21.06 -28.02 26.53
CA HIS A 248 -21.19 -29.18 27.46
C HIS A 248 -22.14 -30.25 26.91
N ASP A 249 -23.09 -29.89 26.03
CA ASP A 249 -24.04 -30.86 25.41
C ASP A 249 -23.30 -31.88 24.53
N HIS A 250 -22.08 -31.56 24.07
CA HIS A 250 -21.34 -32.33 23.03
C HIS A 250 -22.09 -32.06 21.71
N LYS A 251 -22.53 -33.08 20.98
CA LYS A 251 -23.47 -32.98 19.82
C LYS A 251 -22.85 -32.17 18.66
N GLU A 252 -22.46 -30.90 18.87
CA GLU A 252 -21.82 -30.06 17.80
C GLU A 252 -20.33 -29.82 18.09
N LYS A 253 -19.49 -29.75 17.04
CA LYS A 253 -18.01 -29.59 17.14
C LYS A 253 -17.62 -28.12 17.27
N PRO A 254 -17.03 -27.65 18.41
CA PRO A 254 -16.63 -26.25 18.56
C PRO A 254 -15.33 -26.02 17.77
N GLY A 255 -15.26 -24.94 17.00
CA GLY A 255 -14.07 -24.64 16.22
C GLY A 255 -13.19 -23.56 16.85
N ALA A 256 -13.72 -22.34 17.02
CA ALA A 256 -12.88 -21.17 17.35
C ALA A 256 -13.59 -20.20 18.31
N LEU A 257 -12.82 -19.60 19.21
CA LEU A 257 -13.31 -18.55 20.15
C LEU A 257 -12.97 -17.20 19.54
N TRP A 258 -14.01 -16.36 19.32
CA TRP A 258 -13.87 -14.97 18.79
C TRP A 258 -14.10 -13.97 19.94
N HIS A 259 -13.42 -12.83 19.92
CA HIS A 259 -13.87 -11.62 20.66
C HIS A 259 -14.06 -10.52 19.61
N ILE A 260 -15.24 -9.88 19.59
CA ILE A 260 -15.55 -8.79 18.63
C ILE A 260 -15.94 -7.56 19.47
N TYR A 261 -15.53 -6.38 19.03
CA TYR A 261 -15.81 -5.09 19.73
C TYR A 261 -16.51 -4.18 18.75
N ALA A 262 -17.40 -3.30 19.27
CA ALA A 262 -18.11 -2.32 18.44
C ALA A 262 -17.11 -1.36 17.77
N ALA A 263 -17.39 -0.95 16.52
CA ALA A 263 -16.56 0.00 15.78
C ALA A 263 -16.41 1.29 16.63
N LYS A 264 -17.46 1.71 17.35
CA LYS A 264 -17.42 2.96 18.17
C LYS A 264 -16.38 2.88 19.30
N ASP A 265 -15.92 1.68 19.68
CA ASP A 265 -14.96 1.48 20.82
C ASP A 265 -13.52 1.34 20.36
N ALA A 266 -13.22 1.46 19.06
CA ALA A 266 -11.87 1.16 18.53
C ALA A 266 -10.84 2.12 19.13
N GLU A 267 -11.15 3.41 19.33
CA GLU A 267 -10.12 4.36 19.84
C GLU A 267 -9.85 4.08 21.33
N LYS A 268 -10.84 3.75 22.15
CA LYS A 268 -10.59 3.34 23.55
C LYS A 268 -9.67 2.11 23.60
N ILE A 269 -9.87 1.12 22.69
CA ILE A 269 -8.96 -0.06 22.64
C ILE A 269 -7.55 0.41 22.31
N ARG A 270 -7.42 1.31 21.33
CA ARG A 270 -6.06 1.86 21.01
C ARG A 270 -5.44 2.50 22.26
N GLU A 271 -6.20 3.28 23.01
CA GLU A 271 -5.66 3.92 24.24
C GLU A 271 -5.11 2.87 25.20
N LEU A 272 -5.87 1.82 25.52
CA LEU A 272 -5.40 0.72 26.43
C LEU A 272 -4.08 0.15 25.90
N LEU A 273 -4.02 -0.24 24.61
CA LEU A 273 -2.83 -0.93 24.05
C LEU A 273 -1.61 0.03 24.00
N ARG A 274 -1.79 1.34 23.84
CA ARG A 274 -0.63 2.29 23.93
C ARG A 274 -0.12 2.29 25.38
N LYS A 275 -1.01 2.32 26.36
CA LYS A 275 -0.65 2.28 27.80
C LYS A 275 0.05 0.96 28.15
N VAL A 276 -0.47 -0.17 27.70
CA VAL A 276 0.16 -1.50 27.97
C VAL A 276 1.52 -1.61 27.26
N GLY A 277 1.66 -1.19 26.01
CA GLY A 277 2.92 -1.22 25.28
C GLY A 277 3.99 -0.42 26.02
N GLU A 278 3.60 0.70 26.63
CA GLU A 278 4.55 1.58 27.37
C GLU A 278 4.92 0.89 28.68
N GLU A 279 3.96 0.30 29.40
CA GLU A 279 4.26 -0.45 30.64
C GLU A 279 5.28 -1.57 30.38
N GLN A 280 5.23 -2.19 29.19
CA GLN A 280 6.11 -3.33 28.79
C GLN A 280 7.38 -2.80 28.11
N GLY A 281 7.65 -1.49 28.21
CA GLY A 281 8.89 -0.88 27.72
C GLY A 281 9.00 -0.85 26.21
N GLN A 282 7.89 -0.93 25.46
CA GLN A 282 7.90 -0.58 24.01
C GLN A 282 8.08 0.95 23.91
N GLU A 283 8.67 1.42 22.83
CA GLU A 283 8.92 2.87 22.61
C GLU A 283 8.20 3.25 21.32
N ASN A 284 7.00 3.79 21.45
CA ASN A 284 6.08 4.07 20.33
C ASN A 284 5.67 5.54 20.37
N PRO A 285 5.56 6.20 19.19
CA PRO A 285 4.99 7.55 19.13
C PRO A 285 3.55 7.57 19.66
N PRO A 286 3.09 8.73 20.20
CA PRO A 286 1.77 8.82 20.85
C PRO A 286 0.55 8.52 19.95
N ASP A 287 0.74 8.55 18.61
CA ASP A 287 -0.33 8.45 17.58
C ASP A 287 -0.31 7.07 16.91
N HIS A 288 0.64 6.20 17.24
CA HIS A 288 0.80 4.90 16.55
C HIS A 288 -0.46 4.05 16.82
N ASP A 289 -0.75 3.16 15.88
CA ASP A 289 -2.07 2.44 15.80
C ASP A 289 -1.84 0.97 16.10
N PRO A 290 -2.00 0.54 17.38
CA PRO A 290 -1.79 -0.85 17.75
C PRO A 290 -2.81 -1.85 17.18
N ILE A 291 -3.98 -1.38 16.74
CA ILE A 291 -4.93 -2.29 16.02
C ILE A 291 -4.41 -2.51 14.58
N HIS A 292 -4.02 -1.46 13.84
CA HIS A 292 -3.47 -1.62 12.46
C HIS A 292 -2.20 -2.51 12.44
N ASP A 293 -1.38 -2.46 13.48
CA ASP A 293 -0.15 -3.29 13.62
C ASP A 293 -0.44 -4.80 13.72
N GLN A 294 -1.62 -5.20 14.20
CA GLN A 294 -2.04 -6.63 14.25
C GLN A 294 -1.05 -7.42 15.12
N SER A 295 -0.58 -6.81 16.21
CA SER A 295 0.50 -7.38 17.07
C SER A 295 -0.04 -7.84 18.42
N TRP A 296 -1.32 -7.57 18.74
CA TRP A 296 -1.87 -7.88 20.08
C TRP A 296 -2.95 -8.97 20.04
N TYR A 297 -2.98 -9.83 21.07
CA TYR A 297 -4.12 -10.69 21.43
C TYR A 297 -4.56 -10.27 22.83
N LEU A 298 -5.84 -9.93 22.99
CA LEU A 298 -6.41 -9.59 24.32
C LEU A 298 -6.69 -10.90 25.08
N ASP A 299 -5.82 -11.20 26.05
CA ASP A 299 -5.99 -12.37 26.95
C ASP A 299 -7.00 -12.02 28.07
N GLN A 300 -7.31 -12.93 28.97
CA GLN A 300 -8.32 -12.65 30.01
C GLN A 300 -7.92 -11.38 30.81
N THR A 301 -6.65 -11.21 31.20
CA THR A 301 -6.16 -10.03 31.95
C THR A 301 -6.53 -8.76 31.19
N LEU A 302 -6.16 -8.69 29.91
CA LEU A 302 -6.37 -7.47 29.07
C LEU A 302 -7.86 -7.24 28.83
N ARG A 303 -8.68 -8.29 28.66
CA ARG A 303 -10.12 -8.07 28.43
C ARG A 303 -10.72 -7.50 29.70
N LYS A 304 -10.29 -7.97 30.87
CA LYS A 304 -10.86 -7.42 32.14
C LYS A 304 -10.43 -5.95 32.31
N ARG A 305 -9.21 -5.62 32.00
CA ARG A 305 -8.69 -4.23 32.11
C ARG A 305 -9.48 -3.30 31.15
N LEU A 306 -9.75 -3.77 29.94
CA LEU A 306 -10.53 -2.99 28.95
C LEU A 306 -11.89 -2.61 29.53
N TYR A 307 -12.58 -3.55 30.16
CA TYR A 307 -13.90 -3.36 30.80
C TYR A 307 -13.73 -2.43 32.02
N GLU A 308 -12.82 -2.73 32.93
CA GLU A 308 -12.74 -2.00 34.24
C GLU A 308 -12.23 -0.56 34.01
N GLU A 309 -11.19 -0.35 33.22
CA GLU A 309 -10.41 0.93 33.11
C GLU A 309 -11.01 1.85 32.02
N TYR A 310 -11.67 1.30 30.98
CA TYR A 310 -12.18 2.10 29.84
C TYR A 310 -13.69 1.93 29.65
N GLY A 311 -14.37 1.03 30.37
CA GLY A 311 -15.82 0.83 30.25
C GLY A 311 -16.27 0.17 28.95
N VAL A 312 -15.38 -0.65 28.34
CA VAL A 312 -15.69 -1.30 27.01
C VAL A 312 -16.02 -2.80 27.22
N GLN A 313 -17.16 -3.20 26.72
CA GLN A 313 -17.65 -4.61 26.68
C GLN A 313 -17.57 -5.10 25.24
N GLY A 314 -17.26 -6.37 25.05
CA GLY A 314 -17.35 -6.98 23.73
C GLY A 314 -18.30 -8.16 23.67
N TRP A 315 -18.24 -8.89 22.57
CA TRP A 315 -19.01 -10.13 22.33
C TRP A 315 -18.01 -11.30 22.29
N ALA A 316 -18.15 -12.25 23.21
CA ALA A 316 -17.40 -13.54 23.18
C ALA A 316 -18.24 -14.57 22.44
N ILE A 317 -17.74 -15.10 21.29
CA ILE A 317 -18.53 -15.96 20.38
C ILE A 317 -17.76 -17.26 20.13
N VAL A 318 -18.38 -18.40 20.41
CA VAL A 318 -17.82 -19.71 19.94
C VAL A 318 -18.49 -20.12 18.64
N GLN A 319 -17.66 -20.19 17.57
CA GLN A 319 -18.02 -20.56 16.19
C GLN A 319 -17.89 -22.10 16.10
N PHE A 320 -19.01 -22.79 16.02
CA PHE A 320 -19.10 -24.27 15.83
C PHE A 320 -19.06 -24.58 14.33
N LEU A 321 -18.84 -25.86 13.98
CA LEU A 321 -19.02 -26.32 12.60
C LEU A 321 -20.35 -25.82 12.01
N GLY A 322 -20.27 -25.20 10.84
CA GLY A 322 -21.38 -24.67 10.04
C GLY A 322 -21.90 -23.30 10.51
N ASP A 323 -21.29 -22.71 11.52
CA ASP A 323 -21.69 -21.34 11.97
C ASP A 323 -21.04 -20.31 11.03
N ALA A 324 -21.82 -19.32 10.60
CA ALA A 324 -21.38 -18.14 9.83
C ALA A 324 -21.36 -16.93 10.79
N VAL A 325 -20.19 -16.34 11.00
CA VAL A 325 -20.04 -15.11 11.84
C VAL A 325 -20.08 -13.92 10.87
N PHE A 326 -20.97 -12.94 11.11
CA PHE A 326 -21.05 -11.66 10.37
C PHE A 326 -20.30 -10.60 11.19
N ILE A 327 -19.25 -10.01 10.62
CA ILE A 327 -18.38 -9.03 11.32
C ILE A 327 -18.59 -7.65 10.70
N PRO A 328 -19.17 -6.66 11.42
CA PRO A 328 -19.38 -5.35 10.82
C PRO A 328 -18.09 -4.57 10.51
N ALA A 329 -18.10 -3.84 9.37
CA ALA A 329 -16.98 -2.93 9.02
C ALA A 329 -16.57 -2.04 10.20
N GLY A 330 -15.24 -1.95 10.46
CA GLY A 330 -14.74 -1.09 11.53
C GLY A 330 -14.65 -1.75 12.92
N ALA A 331 -15.25 -2.96 13.11
CA ALA A 331 -15.29 -3.64 14.40
C ALA A 331 -13.98 -4.39 14.66
N PRO A 332 -13.19 -4.01 15.70
CA PRO A 332 -11.97 -4.75 16.06
C PRO A 332 -12.32 -6.20 16.46
N HIS A 333 -11.56 -7.20 15.98
CA HIS A 333 -11.87 -8.62 16.33
C HIS A 333 -10.58 -9.45 16.33
N GLN A 334 -10.65 -10.55 17.08
CA GLN A 334 -9.53 -11.51 17.20
C GLN A 334 -10.11 -12.93 17.23
N VAL A 335 -9.28 -13.93 16.89
CA VAL A 335 -9.72 -15.34 16.74
C VAL A 335 -8.70 -16.31 17.40
N HIS A 336 -9.19 -17.28 18.14
CA HIS A 336 -8.37 -18.28 18.90
C HIS A 336 -8.93 -19.67 18.56
N ASN A 337 -8.22 -20.47 17.76
CA ASN A 337 -8.74 -21.82 17.41
C ASN A 337 -8.65 -22.80 18.59
N LEU A 338 -9.78 -23.40 18.91
CA LEU A 338 -9.89 -24.39 20.01
C LEU A 338 -9.45 -25.76 19.45
N TYR A 339 -9.88 -26.07 18.25
CA TYR A 339 -9.46 -27.28 17.46
C TYR A 339 -9.01 -26.84 16.08
N SER A 340 -8.55 -27.78 15.23
CA SER A 340 -8.07 -27.44 13.88
C SER A 340 -9.24 -27.01 13.00
N CYS A 341 -9.13 -25.86 12.32
CA CYS A 341 -10.26 -25.26 11.59
C CYS A 341 -9.97 -24.99 10.12
N ILE A 342 -10.97 -25.21 9.27
CA ILE A 342 -11.01 -24.64 7.90
C ILE A 342 -12.15 -23.60 7.90
N LYS A 343 -11.81 -22.33 7.70
CA LYS A 343 -12.81 -21.25 7.57
C LYS A 343 -12.77 -20.68 6.16
N VAL A 344 -13.89 -20.19 5.65
CA VAL A 344 -13.93 -19.51 4.34
C VAL A 344 -14.73 -18.21 4.52
N ALA A 345 -14.14 -17.08 4.14
CA ALA A 345 -14.75 -15.75 4.39
C ALA A 345 -14.94 -14.97 3.09
N GLU A 346 -16.05 -14.22 2.97
CA GLU A 346 -16.37 -13.34 1.79
C GLU A 346 -16.52 -11.91 2.34
N ASP A 347 -15.81 -10.96 1.79
CA ASP A 347 -16.04 -9.52 2.10
C ASP A 347 -17.23 -8.97 1.28
N PHE A 348 -17.93 -7.97 1.82
CA PHE A 348 -19.06 -7.26 1.13
C PHE A 348 -19.16 -5.85 1.68
N VAL A 349 -19.94 -4.98 1.02
CA VAL A 349 -20.12 -3.56 1.45
C VAL A 349 -21.61 -3.27 1.60
N SER A 350 -22.14 -3.44 2.79
CA SER A 350 -23.56 -3.12 3.04
C SER A 350 -23.77 -1.60 3.09
N PRO A 351 -24.97 -1.11 2.77
CA PRO A 351 -25.24 0.30 2.87
C PRO A 351 -25.19 0.80 4.32
N GLU A 352 -25.51 -0.06 5.30
CA GLU A 352 -25.54 0.31 6.73
C GLU A 352 -24.15 0.77 7.18
N HIS A 353 -23.06 0.26 6.56
CA HIS A 353 -21.70 0.51 7.10
C HIS A 353 -20.73 1.12 6.06
N VAL A 354 -21.22 1.61 4.95
CA VAL A 354 -20.37 2.15 3.85
C VAL A 354 -19.51 3.33 4.34
N LYS A 355 -19.94 4.11 5.33
CA LYS A 355 -19.12 5.20 5.94
C LYS A 355 -17.72 4.72 6.29
N HIS A 356 -17.51 3.45 6.69
CA HIS A 356 -16.20 2.97 7.18
C HIS A 356 -15.16 2.90 6.05
N CYS A 357 -15.54 2.87 4.76
CA CYS A 357 -14.54 2.72 3.65
C CYS A 357 -14.41 4.02 2.84
N PHE A 358 -15.07 5.10 3.22
CA PHE A 358 -14.97 6.41 2.51
C PHE A 358 -13.58 7.03 2.80
N ARG A 359 -12.95 7.55 1.76
CA ARG A 359 -11.56 8.10 1.83
C ARG A 359 -11.50 9.58 2.22
N LEU A 360 -12.58 10.29 2.47
CA LEU A 360 -12.45 11.68 2.98
C LEU A 360 -13.05 11.83 4.39
N THR A 361 -12.55 12.83 5.12
CA THR A 361 -13.06 13.43 6.39
C THR A 361 -13.30 12.33 7.43
N MET B 23 32.67 37.31 -16.36
CA MET B 23 31.84 38.09 -15.42
C MET B 23 30.40 37.52 -15.37
N THR B 24 30.10 36.47 -16.12
CA THR B 24 28.75 35.82 -16.00
C THR B 24 28.56 35.37 -14.54
N SER B 25 27.42 35.71 -13.90
CA SER B 25 27.15 35.36 -12.49
C SER B 25 26.98 33.83 -12.40
N HIS B 26 27.84 33.17 -11.64
CA HIS B 26 27.82 31.71 -11.47
C HIS B 26 28.48 31.28 -10.17
N SER B 27 28.25 30.04 -9.77
CA SER B 27 28.92 29.38 -8.62
C SER B 27 28.91 27.89 -8.90
N TRP B 28 29.60 27.13 -8.07
CA TRP B 28 29.82 25.68 -8.26
C TRP B 28 29.31 25.03 -6.98
N LEU B 29 28.44 24.02 -7.12
CA LEU B 29 27.96 23.15 -6.01
C LEU B 29 28.47 21.72 -6.21
N CYS B 30 28.02 20.78 -5.36
CA CYS B 30 28.44 19.36 -5.45
C CYS B 30 29.98 19.35 -5.44
N ASP B 31 30.60 20.05 -4.49
CA ASP B 31 32.08 20.03 -4.27
C ASP B 31 32.78 20.38 -5.60
N GLY B 32 32.33 21.44 -6.27
CA GLY B 32 32.90 22.01 -7.52
C GLY B 32 32.44 21.35 -8.82
N ARG B 33 31.50 20.38 -8.82
CA ARG B 33 31.21 19.54 -10.03
C ARG B 33 29.89 19.93 -10.70
N LEU B 34 29.16 20.92 -10.15
CA LEU B 34 27.84 21.35 -10.70
C LEU B 34 27.86 22.86 -10.95
N LEU B 35 27.79 23.28 -12.22
CA LEU B 35 27.63 24.69 -12.58
C LEU B 35 26.26 25.16 -12.16
N CYS B 36 26.21 26.29 -11.46
CA CYS B 36 24.97 27.01 -11.11
C CYS B 36 25.04 28.40 -11.73
N LEU B 37 24.26 28.68 -12.78
CA LEU B 37 24.09 30.03 -13.40
C LEU B 37 22.96 30.77 -12.70
N HIS B 38 23.17 32.04 -12.35
CA HIS B 38 22.27 32.79 -11.43
C HIS B 38 21.44 33.87 -12.15
N ASP B 39 21.78 34.26 -13.38
CA ASP B 39 20.93 35.19 -14.15
C ASP B 39 20.29 34.45 -15.31
N PRO B 40 18.98 34.11 -15.26
CA PRO B 40 18.40 33.22 -16.30
C PRO B 40 18.39 33.83 -17.70
N SER B 41 18.41 35.16 -17.84
CA SER B 41 18.33 35.86 -19.15
C SER B 41 19.69 36.41 -19.63
N ASN B 42 20.80 36.05 -19.03
CA ASN B 42 22.14 36.54 -19.49
C ASN B 42 22.52 35.85 -20.80
N LYS B 43 22.74 36.63 -21.87
CA LYS B 43 23.00 36.13 -23.24
C LYS B 43 24.36 35.41 -23.33
N ASN B 44 25.20 35.54 -22.31
CA ASN B 44 26.53 34.86 -22.25
C ASN B 44 26.47 33.52 -21.47
N ASN B 45 25.29 33.07 -20.99
CA ASN B 45 25.25 31.81 -20.17
C ASN B 45 25.86 30.62 -20.90
N TRP B 46 25.77 30.52 -22.24
CA TRP B 46 26.26 29.38 -23.05
C TRP B 46 27.78 29.18 -22.84
N LYS B 47 28.49 30.24 -22.45
CA LYS B 47 29.99 30.23 -22.48
C LYS B 47 30.55 29.15 -21.56
N ILE B 48 30.11 29.17 -20.30
CA ILE B 48 30.62 28.18 -19.29
C ILE B 48 29.80 26.88 -19.34
N PHE B 49 28.52 26.99 -19.73
CA PHE B 49 27.63 25.81 -19.96
C PHE B 49 28.22 24.78 -20.91
N ARG B 50 28.84 25.23 -22.03
CA ARG B 50 29.29 24.32 -23.13
C ARG B 50 30.19 23.18 -22.62
N GLU B 51 31.26 23.48 -21.86
CA GLU B 51 32.20 22.40 -21.49
C GLU B 51 31.53 21.47 -20.47
N CYS B 52 30.70 21.99 -19.57
CA CYS B 52 30.01 21.10 -18.59
C CYS B 52 29.08 20.11 -19.32
N TRP B 53 28.38 20.63 -20.31
CA TRP B 53 27.40 19.86 -21.13
C TRP B 53 28.14 18.87 -22.02
N LYS B 54 29.30 19.26 -22.59
CA LYS B 54 30.16 18.30 -23.34
C LYS B 54 30.63 17.11 -22.46
N GLN B 55 30.99 17.35 -21.20
CA GLN B 55 31.45 16.32 -20.24
C GLN B 55 30.25 15.47 -19.75
N GLY B 56 29.02 15.78 -20.15
CA GLY B 56 27.82 14.97 -19.79
C GLY B 56 27.34 15.26 -18.36
N GLN B 57 27.63 16.46 -17.86
CA GLN B 57 27.18 16.95 -16.51
C GLN B 57 25.80 17.57 -16.62
N PRO B 58 24.91 17.41 -15.60
CA PRO B 58 23.80 18.32 -15.46
C PRO B 58 24.25 19.74 -15.10
N VAL B 59 23.41 20.72 -15.33
CA VAL B 59 23.64 22.15 -15.02
C VAL B 59 22.40 22.70 -14.34
N LEU B 60 22.54 23.66 -13.43
CA LEU B 60 21.39 24.32 -12.77
C LEU B 60 21.37 25.82 -13.13
N VAL B 61 20.19 26.38 -13.43
CA VAL B 61 20.01 27.82 -13.63
C VAL B 61 18.94 28.28 -12.63
N SER B 62 19.26 29.27 -11.78
CA SER B 62 18.32 29.74 -10.75
C SER B 62 17.57 30.99 -11.20
N GLY B 63 16.47 31.36 -10.51
CA GLY B 63 15.77 32.64 -10.70
C GLY B 63 14.66 32.65 -11.76
N VAL B 64 14.28 31.49 -12.34
CA VAL B 64 13.31 31.48 -13.47
C VAL B 64 11.93 31.97 -12.96
N HIS B 65 11.59 31.71 -11.70
CA HIS B 65 10.30 32.12 -11.05
C HIS B 65 10.13 33.63 -11.12
N LYS B 66 11.24 34.38 -11.00
CA LYS B 66 11.19 35.87 -11.03
C LYS B 66 10.83 36.36 -12.42
N LYS B 67 10.95 35.53 -13.46
CA LYS B 67 10.60 35.90 -14.85
C LYS B 67 9.14 35.55 -15.20
N LEU B 68 8.48 34.68 -14.44
CA LEU B 68 7.13 34.12 -14.75
C LEU B 68 6.03 35.03 -14.14
N LYS B 69 4.78 34.88 -14.60
CA LYS B 69 3.57 35.48 -13.98
C LYS B 69 3.10 34.57 -12.83
N SER B 70 3.43 34.91 -11.59
CA SER B 70 3.26 33.99 -10.43
C SER B 70 1.77 33.60 -10.25
N GLU B 71 0.82 34.44 -10.61
CA GLU B 71 -0.65 34.12 -10.47
C GLU B 71 -1.04 32.95 -11.38
N LEU B 72 -0.31 32.65 -12.47
CA LEU B 72 -0.69 31.56 -13.40
C LEU B 72 -0.29 30.19 -12.82
N TRP B 73 0.55 30.13 -11.79
CA TRP B 73 1.20 28.87 -11.38
C TRP B 73 0.80 28.47 -9.94
N LYS B 74 -0.31 29.00 -9.41
CA LYS B 74 -0.83 28.67 -8.05
C LYS B 74 -1.78 27.47 -8.09
N PRO B 75 -1.70 26.54 -7.11
CA PRO B 75 -2.64 25.41 -7.05
C PRO B 75 -4.14 25.81 -7.04
N GLU B 76 -4.47 26.92 -6.39
CA GLU B 76 -5.87 27.44 -6.32
C GLU B 76 -6.39 27.81 -7.70
N ALA B 77 -5.56 28.38 -8.56
CA ALA B 77 -5.98 28.74 -9.93
C ALA B 77 -6.20 27.47 -10.78
N PHE B 78 -5.34 26.45 -10.68
CA PHE B 78 -5.56 25.17 -11.41
C PHE B 78 -6.91 24.56 -10.95
N SER B 79 -7.18 24.60 -9.64
CA SER B 79 -8.44 24.05 -9.07
C SER B 79 -9.65 24.82 -9.61
N GLN B 80 -9.64 26.15 -9.56
CA GLN B 80 -10.82 26.97 -10.00
C GLN B 80 -11.05 26.79 -11.50
N GLU B 81 -9.98 26.79 -12.31
CA GLU B 81 -10.08 26.70 -13.78
C GLU B 81 -10.38 25.30 -14.29
N PHE B 82 -9.85 24.20 -13.69
CA PHE B 82 -9.87 22.87 -14.37
C PHE B 82 -10.44 21.78 -13.42
N GLY B 83 -11.01 22.17 -12.29
CA GLY B 83 -11.21 21.28 -11.13
C GLY B 83 -12.32 20.27 -11.32
N ASP B 84 -13.19 20.45 -12.33
CA ASP B 84 -14.29 19.47 -12.56
C ASP B 84 -13.87 18.45 -13.61
N GLN B 85 -12.61 18.46 -14.09
CA GLN B 85 -12.11 17.38 -14.97
C GLN B 85 -11.89 16.05 -14.21
N ASP B 86 -12.05 14.93 -14.89
CA ASP B 86 -11.86 13.57 -14.29
C ASP B 86 -10.42 13.16 -14.55
N VAL B 87 -9.77 12.51 -13.58
CA VAL B 87 -8.32 12.21 -13.70
C VAL B 87 -8.00 10.94 -12.87
N ASP B 88 -6.86 10.33 -13.12
CA ASP B 88 -6.29 9.28 -12.25
C ASP B 88 -5.16 9.84 -11.40
N LEU B 89 -5.02 9.34 -10.16
CA LEU B 89 -3.92 9.68 -9.23
C LEU B 89 -3.13 8.40 -8.94
N VAL B 90 -1.86 8.53 -8.56
CA VAL B 90 -0.97 7.44 -8.09
C VAL B 90 -0.62 7.67 -6.62
N ASN B 91 -0.84 6.64 -5.79
CA ASN B 91 -0.37 6.58 -4.39
C ASN B 91 1.14 6.31 -4.44
N CYS B 92 1.98 7.28 -4.13
CA CYS B 92 3.46 7.14 -4.24
C CYS B 92 4.00 6.01 -3.34
N ARG B 93 3.34 5.72 -2.21
CA ARG B 93 3.86 4.72 -1.22
C ARG B 93 3.72 3.29 -1.77
N ASN B 94 2.67 2.98 -2.53
CA ASN B 94 2.40 1.57 -2.95
C ASN B 94 2.22 1.45 -4.46
N CYS B 95 2.31 2.55 -5.22
CA CYS B 95 2.13 2.61 -6.69
C CYS B 95 0.69 2.29 -7.12
N ALA B 96 -0.29 2.31 -6.22
CA ALA B 96 -1.70 1.98 -6.56
C ALA B 96 -2.35 3.15 -7.36
N ILE B 97 -3.19 2.84 -8.34
CA ILE B 97 -3.94 3.87 -9.11
C ILE B 97 -5.28 4.17 -8.45
N ILE B 98 -5.54 5.43 -8.13
CA ILE B 98 -6.88 5.88 -7.69
C ILE B 98 -7.57 6.41 -8.95
N SER B 99 -8.51 5.65 -9.56
CA SER B 99 -9.02 5.98 -10.92
C SER B 99 -10.28 6.86 -10.88
N ASP B 100 -10.34 7.81 -11.80
CA ASP B 100 -11.56 8.56 -12.14
C ASP B 100 -12.07 9.40 -10.94
N VAL B 101 -11.24 10.25 -10.36
CA VAL B 101 -11.64 11.26 -9.35
C VAL B 101 -11.52 12.68 -9.99
N LYS B 102 -11.93 13.72 -9.28
CA LYS B 102 -11.92 15.12 -9.77
C LYS B 102 -10.52 15.73 -9.55
N VAL B 103 -10.05 16.51 -10.51
CA VAL B 103 -8.77 17.28 -10.47
C VAL B 103 -8.80 18.09 -9.17
N ARG B 104 -9.97 18.67 -8.78
CA ARG B 104 -10.02 19.51 -7.55
C ARG B 104 -9.70 18.70 -6.27
N ASP B 105 -9.96 17.39 -6.27
CA ASP B 105 -9.69 16.63 -5.04
C ASP B 105 -8.16 16.48 -4.88
N PHE B 106 -7.37 16.52 -5.96
CA PHE B 106 -5.87 16.55 -5.88
C PHE B 106 -5.44 17.94 -5.39
N TRP B 107 -5.86 19.02 -6.07
CA TRP B 107 -5.36 20.39 -5.80
C TRP B 107 -5.81 20.91 -4.43
N ASP B 108 -7.02 20.59 -3.95
CA ASP B 108 -7.49 21.20 -2.67
C ASP B 108 -6.74 20.61 -1.47
N GLY B 109 -6.07 19.45 -1.58
CA GLY B 109 -5.18 18.87 -0.58
C GLY B 109 -3.68 19.16 -0.77
N PHE B 110 -3.34 19.97 -1.78
CA PHE B 110 -1.91 20.21 -2.13
C PHE B 110 -1.11 20.72 -0.91
N GLU B 111 -1.68 21.67 -0.17
CA GLU B 111 -0.98 22.26 1.01
C GLU B 111 -1.72 21.98 2.33
N ILE B 112 -3.01 21.60 2.29
CA ILE B 112 -3.86 21.33 3.50
C ILE B 112 -3.98 19.80 3.67
N ILE B 113 -3.25 19.23 4.60
CA ILE B 113 -3.08 17.76 4.70
C ILE B 113 -4.43 17.10 5.10
N CYS B 114 -5.25 17.77 5.91
CA CYS B 114 -6.52 17.14 6.42
C CYS B 114 -7.56 17.00 5.28
N LYS B 115 -7.40 17.64 4.10
CA LYS B 115 -8.33 17.57 2.95
C LYS B 115 -7.94 16.46 1.97
N ARG B 116 -6.86 15.76 2.19
CA ARG B 116 -6.35 14.74 1.26
C ARG B 116 -7.18 13.45 1.33
N LEU B 117 -7.32 12.80 0.18
CA LEU B 117 -7.78 11.40 0.11
C LEU B 117 -6.91 10.51 1.00
N ARG B 118 -7.55 9.58 1.70
CA ARG B 118 -6.92 8.69 2.70
C ARG B 118 -6.80 7.25 2.21
N SER B 119 -5.80 6.53 2.72
CA SER B 119 -5.61 5.08 2.48
C SER B 119 -6.45 4.30 3.55
N GLU B 120 -6.42 2.99 3.43
CA GLU B 120 -7.17 1.99 4.27
C GLU B 120 -6.83 2.23 5.77
N ASP B 121 -5.61 2.70 6.10
CA ASP B 121 -5.10 2.91 7.50
C ASP B 121 -5.56 4.24 8.09
N GLY B 122 -6.40 5.00 7.36
CA GLY B 122 -6.89 6.32 7.76
C GLY B 122 -5.88 7.44 7.61
N GLN B 123 -4.69 7.18 7.03
CA GLN B 123 -3.65 8.24 6.89
C GLN B 123 -3.88 8.97 5.56
N PRO B 124 -3.55 10.28 5.52
CA PRO B 124 -3.53 11.07 4.28
C PRO B 124 -2.52 10.47 3.30
N MET B 125 -2.91 10.29 2.03
CA MET B 125 -1.99 9.68 1.02
C MET B 125 -1.03 10.78 0.47
N VAL B 126 0.15 10.34 0.11
CA VAL B 126 1.10 11.11 -0.76
C VAL B 126 0.78 10.75 -2.21
N LEU B 127 0.22 11.70 -2.97
CA LEU B 127 -0.34 11.44 -4.31
C LEU B 127 0.42 12.19 -5.42
N LYS B 128 0.44 11.62 -6.61
CA LYS B 128 0.81 12.36 -7.84
C LYS B 128 -0.30 12.30 -8.89
N LEU B 129 -0.48 13.41 -9.58
CA LEU B 129 -1.46 13.56 -10.67
C LEU B 129 -0.88 12.90 -11.89
N LYS B 130 -1.55 11.88 -12.43
CA LYS B 130 -1.03 11.12 -13.60
C LYS B 130 -1.51 11.80 -14.90
N ASP B 131 -0.55 12.06 -15.78
CA ASP B 131 -0.82 12.39 -17.21
C ASP B 131 -1.82 13.55 -17.28
N TRP B 132 -1.46 14.70 -16.70
CA TRP B 132 -2.30 15.90 -16.70
C TRP B 132 -1.47 17.16 -16.92
N PRO B 133 -1.85 18.04 -17.88
CA PRO B 133 -2.83 17.76 -18.90
C PRO B 133 -2.45 16.53 -19.70
N PRO B 134 -3.43 15.79 -20.24
CA PRO B 134 -3.17 14.51 -20.89
C PRO B 134 -2.51 14.65 -22.26
N GLY B 135 -1.66 13.68 -22.58
CA GLY B 135 -0.87 13.59 -23.83
C GLY B 135 -0.19 14.91 -24.11
N GLU B 136 -0.59 15.59 -25.20
CA GLU B 136 0.00 16.86 -25.72
C GLU B 136 -1.04 17.97 -25.66
N ASP B 137 -1.98 17.89 -24.70
CA ASP B 137 -3.08 18.89 -24.56
C ASP B 137 -2.59 20.15 -23.84
N PHE B 138 -1.32 20.19 -23.37
CA PHE B 138 -0.82 21.29 -22.51
C PHE B 138 -1.07 22.61 -23.26
N ARG B 139 -0.61 22.73 -24.51
CA ARG B 139 -0.79 23.97 -25.32
C ARG B 139 -2.26 24.35 -25.53
N ASP B 140 -3.12 23.40 -25.89
CA ASP B 140 -4.56 23.67 -26.18
C ASP B 140 -5.30 23.96 -24.88
N MET B 141 -4.98 23.27 -23.78
CA MET B 141 -5.77 23.42 -22.52
C MET B 141 -5.32 24.69 -21.81
N MET B 142 -4.03 25.02 -21.85
CA MET B 142 -3.44 26.10 -21.02
C MET B 142 -2.60 27.03 -21.89
N PRO B 143 -3.17 27.74 -22.90
CA PRO B 143 -2.31 28.50 -23.82
C PRO B 143 -1.51 29.64 -23.15
N THR B 144 -2.06 30.30 -22.13
CA THR B 144 -1.36 31.42 -21.44
C THR B 144 -0.20 30.86 -20.60
N ARG B 145 -0.35 29.64 -20.04
CA ARG B 145 0.76 28.96 -19.30
C ARG B 145 1.87 28.56 -20.29
N PHE B 146 1.54 28.04 -21.46
CA PHE B 146 2.51 27.64 -22.51
C PHE B 146 3.37 28.86 -22.88
N GLU B 147 2.71 29.99 -23.13
CA GLU B 147 3.44 31.22 -23.59
C GLU B 147 4.34 31.71 -22.46
N ASP B 148 3.84 31.72 -21.21
CA ASP B 148 4.62 32.25 -20.07
C ASP B 148 5.87 31.38 -19.87
N LEU B 149 5.74 30.04 -19.93
CA LEU B 149 6.94 29.18 -19.79
C LEU B 149 7.90 29.30 -20.99
N MET B 150 7.44 29.16 -22.25
CA MET B 150 8.37 29.10 -23.42
C MET B 150 9.13 30.39 -23.62
N GLU B 151 8.51 31.54 -23.30
CA GLU B 151 9.15 32.87 -23.48
C GLU B 151 10.29 33.01 -22.48
N ASN B 152 10.29 32.25 -21.34
CA ASN B 152 11.19 32.48 -20.19
C ASN B 152 12.11 31.29 -19.87
N LEU B 153 12.18 30.29 -20.76
CA LEU B 153 13.11 29.13 -20.61
C LEU B 153 14.53 29.67 -20.72
N PRO B 154 15.42 29.29 -19.80
CA PRO B 154 16.84 29.62 -19.93
C PRO B 154 17.49 28.89 -21.10
N LEU B 155 18.72 29.32 -21.45
CA LEU B 155 19.50 28.78 -22.60
C LEU B 155 18.55 28.60 -23.79
N PRO B 156 17.87 29.67 -24.25
CA PRO B 156 16.84 29.56 -25.28
C PRO B 156 17.37 29.11 -26.66
N GLU B 157 18.63 29.36 -27.03
CA GLU B 157 19.12 28.81 -28.35
C GLU B 157 19.12 27.29 -28.29
N TYR B 158 19.16 26.68 -27.07
CA TYR B 158 19.16 25.22 -26.92
C TYR B 158 17.73 24.69 -26.72
N THR B 159 16.90 25.45 -25.98
CA THR B 159 15.63 24.90 -25.38
C THR B 159 14.37 25.31 -26.16
N LYS B 160 14.33 26.43 -26.90
CA LYS B 160 13.12 26.83 -27.69
C LYS B 160 13.04 26.04 -29.01
N ARG B 161 11.82 25.82 -29.56
N ARG B 161 11.82 25.85 -29.53
CA ARG B 161 11.67 25.01 -30.81
CA ARG B 161 11.55 25.09 -30.79
C ARG B 161 12.47 25.63 -31.96
C ARG B 161 12.41 25.64 -31.93
N ASP B 162 12.49 26.97 -32.07
CA ASP B 162 13.26 27.63 -33.16
C ASP B 162 14.63 28.10 -32.66
N GLY B 163 15.13 27.58 -31.53
CA GLY B 163 16.51 27.86 -31.10
C GLY B 163 17.56 27.51 -32.16
N ARG B 164 18.60 28.31 -32.30
CA ARG B 164 19.68 28.06 -33.28
C ARG B 164 20.26 26.65 -33.10
N LEU B 165 20.42 26.17 -31.85
CA LEU B 165 21.16 24.91 -31.55
C LEU B 165 20.19 23.85 -31.04
N ASN B 166 18.89 23.98 -31.22
CA ASN B 166 17.91 22.89 -30.97
C ASN B 166 17.65 22.14 -32.28
N LEU B 167 18.02 20.88 -32.38
CA LEU B 167 17.90 20.10 -33.65
C LEU B 167 16.56 19.36 -33.75
N ALA B 168 15.73 19.36 -32.69
CA ALA B 168 14.53 18.51 -32.60
C ALA B 168 13.60 18.67 -33.81
N SER B 169 13.28 19.89 -34.20
CA SER B 169 12.31 20.08 -35.31
C SER B 169 12.91 19.71 -36.68
N ARG B 170 14.21 19.53 -36.81
CA ARG B 170 14.88 19.29 -38.11
C ARG B 170 15.18 17.80 -38.32
N LEU B 171 15.34 17.00 -37.27
CA LEU B 171 15.87 15.63 -37.41
C LEU B 171 14.75 14.63 -37.68
N PRO B 172 15.05 13.52 -38.40
CA PRO B 172 14.07 12.44 -38.55
C PRO B 172 13.75 11.65 -37.28
N SER B 173 12.70 10.78 -37.33
CA SER B 173 12.19 10.06 -36.15
C SER B 173 13.17 9.06 -35.53
N TYR B 174 14.21 8.63 -36.26
CA TYR B 174 15.27 7.74 -35.68
C TYR B 174 16.21 8.50 -34.73
N PHE B 175 16.09 9.85 -34.59
CA PHE B 175 16.83 10.65 -33.56
C PHE B 175 15.87 11.12 -32.43
N VAL B 176 14.60 11.38 -32.72
CA VAL B 176 13.72 12.16 -31.79
C VAL B 176 12.23 11.95 -32.17
N ARG B 177 11.35 11.92 -31.16
CA ARG B 177 9.87 11.98 -31.34
C ARG B 177 9.48 13.33 -31.93
N PRO B 178 8.51 13.35 -32.88
CA PRO B 178 8.06 14.62 -33.48
C PRO B 178 7.25 15.51 -32.53
N ASP B 179 7.22 16.81 -32.83
CA ASP B 179 6.31 17.82 -32.24
C ASP B 179 6.43 17.82 -30.70
N LEU B 180 7.62 18.08 -30.14
CA LEU B 180 7.82 18.06 -28.66
C LEU B 180 7.05 19.26 -28.08
N GLY B 181 6.39 19.10 -26.93
CA GLY B 181 5.81 20.21 -26.12
C GLY B 181 6.02 19.91 -24.64
N PRO B 182 5.68 20.88 -23.77
CA PRO B 182 5.96 20.76 -22.34
C PRO B 182 5.04 19.77 -21.63
N LYS B 183 5.56 19.20 -20.54
CA LYS B 183 4.77 18.26 -19.68
C LYS B 183 4.83 18.80 -18.25
N MET B 184 3.74 18.67 -17.52
CA MET B 184 3.62 19.18 -16.11
C MET B 184 3.75 17.99 -15.16
N TYR B 185 4.53 18.08 -14.06
CA TYR B 185 4.72 17.01 -13.04
C TYR B 185 4.28 17.52 -11.67
N ASN B 186 3.18 16.97 -11.15
CA ASN B 186 2.45 17.58 -10.01
C ASN B 186 2.33 16.51 -8.91
N ALA B 187 2.91 16.71 -7.73
CA ALA B 187 2.89 15.64 -6.69
C ALA B 187 3.10 16.24 -5.30
N TYR B 188 2.45 15.63 -4.30
CA TYR B 188 2.64 16.01 -2.91
C TYR B 188 4.08 15.73 -2.47
N GLY B 189 4.45 16.31 -1.32
CA GLY B 189 5.72 15.98 -0.61
C GLY B 189 5.72 14.66 0.15
N LEU B 190 6.80 13.90 0.12
CA LEU B 190 7.00 12.74 1.02
C LEU B 190 7.26 13.26 2.44
N ILE B 191 6.86 12.51 3.48
CA ILE B 191 6.57 13.09 4.83
C ILE B 191 7.30 12.29 5.92
N THR B 192 7.18 10.97 5.94
CA THR B 192 7.58 10.12 7.10
C THR B 192 9.01 9.60 6.96
N ALA B 193 9.55 8.98 8.01
CA ALA B 193 10.88 8.37 7.94
C ALA B 193 10.83 7.18 6.98
N GLU B 194 9.75 6.42 6.92
CA GLU B 194 9.66 5.27 5.98
C GLU B 194 9.60 5.82 4.54
N ASP B 195 9.07 7.03 4.38
CA ASP B 195 8.94 7.73 3.07
C ASP B 195 10.32 8.08 2.52
N ARG B 196 11.36 8.14 3.34
CA ARG B 196 12.73 8.52 2.88
C ARG B 196 13.21 7.61 1.76
N ARG B 197 12.82 6.33 1.75
CA ARG B 197 13.25 5.29 0.79
C ARG B 197 12.33 5.24 -0.45
N VAL B 198 11.38 6.16 -0.59
CA VAL B 198 10.37 6.15 -1.68
C VAL B 198 10.72 7.24 -2.70
N GLY B 199 10.53 6.97 -4.00
CA GLY B 199 10.65 8.02 -5.05
C GLY B 199 9.31 8.67 -5.41
N THR B 200 9.30 9.95 -5.74
CA THR B 200 8.21 10.63 -6.47
C THR B 200 8.28 10.08 -7.91
N THR B 201 9.48 10.04 -8.49
CA THR B 201 9.75 9.47 -9.84
C THR B 201 10.92 8.51 -9.69
N ASN B 202 10.71 7.21 -9.92
CA ASN B 202 11.76 6.19 -9.76
C ASN B 202 12.91 6.41 -10.77
N LEU B 203 14.06 5.85 -10.48
CA LEU B 203 15.25 5.83 -11.38
C LEU B 203 14.84 5.43 -12.81
N HIS B 204 15.20 6.29 -13.79
CA HIS B 204 14.90 6.00 -15.21
C HIS B 204 15.87 6.84 -16.06
N LEU B 205 15.83 6.67 -17.36
CA LEU B 205 16.50 7.63 -18.29
C LEU B 205 15.51 8.06 -19.36
N ASP B 206 15.83 9.19 -19.98
CA ASP B 206 15.05 9.74 -21.12
C ASP B 206 15.91 9.74 -22.38
N VAL B 207 15.27 9.59 -23.57
CA VAL B 207 15.96 9.41 -24.87
C VAL B 207 16.34 10.75 -25.49
N SER B 208 15.89 11.88 -24.96
CA SER B 208 16.32 13.22 -25.43
C SER B 208 16.97 13.99 -24.29
N ASP B 209 17.59 15.12 -24.57
CA ASP B 209 17.93 16.14 -23.54
C ASP B 209 16.64 16.73 -22.96
N ALA B 210 16.68 17.32 -21.74
CA ALA B 210 15.51 17.99 -21.14
C ALA B 210 15.92 19.08 -20.16
N VAL B 211 15.04 20.04 -19.97
CA VAL B 211 15.11 21.04 -18.88
C VAL B 211 13.85 20.95 -18.02
N ASN B 212 14.01 20.91 -16.70
CA ASN B 212 12.88 20.79 -15.74
C ASN B 212 12.87 22.03 -14.83
N VAL B 213 11.80 22.80 -14.86
CA VAL B 213 11.66 24.08 -14.11
C VAL B 213 10.69 23.89 -12.91
N MET B 214 11.17 24.24 -11.70
CA MET B 214 10.30 24.26 -10.47
C MET B 214 9.51 25.56 -10.47
N VAL B 215 8.20 25.52 -10.71
CA VAL B 215 7.39 26.75 -10.83
C VAL B 215 6.58 27.07 -9.56
N TYR B 216 6.37 26.11 -8.67
CA TYR B 216 5.62 26.33 -7.38
C TYR B 216 6.06 25.30 -6.37
N VAL B 217 6.24 25.74 -5.10
CA VAL B 217 6.50 24.86 -3.95
C VAL B 217 5.49 25.22 -2.85
N GLY B 218 4.72 24.21 -2.39
CA GLY B 218 3.73 24.34 -1.29
C GLY B 218 4.21 23.60 -0.04
N ILE B 219 4.45 24.37 1.00
CA ILE B 219 4.98 23.90 2.31
C ILE B 219 3.85 23.97 3.33
N PRO B 220 3.26 22.83 3.76
CA PRO B 220 2.13 22.86 4.71
C PRO B 220 2.51 23.45 6.07
N ILE B 221 1.55 24.11 6.76
CA ILE B 221 1.63 24.42 8.25
C ILE B 221 0.47 23.73 8.98
N ALA B 225 4.48 21.18 9.27
CA ALA B 225 3.85 19.86 9.50
C ALA B 225 4.91 18.75 9.59
N HIS B 226 5.90 18.75 8.68
CA HIS B 226 6.98 17.73 8.63
C HIS B 226 8.35 18.36 8.32
N ASP B 227 8.58 19.59 8.79
CA ASP B 227 9.81 20.37 8.50
C ASP B 227 11.04 19.67 9.11
N GLU B 228 10.87 18.92 10.21
CA GLU B 228 11.99 18.29 10.97
C GLU B 228 12.62 17.15 10.14
N GLU B 229 11.79 16.29 9.56
CA GLU B 229 12.23 15.10 8.76
C GLU B 229 12.92 15.56 7.46
N VAL B 230 12.58 16.74 6.93
CA VAL B 230 13.21 17.29 5.69
C VAL B 230 14.69 17.62 5.99
N LEU B 231 14.98 18.20 7.16
CA LEU B 231 16.36 18.51 7.62
C LEU B 231 17.22 17.23 7.60
N LYS B 232 16.66 16.12 8.10
CA LYS B 232 17.35 14.82 8.25
C LYS B 232 17.53 14.14 6.88
N THR B 233 16.58 14.28 5.95
CA THR B 233 16.57 13.63 4.62
C THR B 233 17.61 14.27 3.68
N ILE B 234 17.95 15.54 3.90
CA ILE B 234 18.80 16.34 2.97
C ILE B 234 20.26 15.93 3.21
N ASP B 235 20.60 16.01 4.49
CA ASP B 235 21.77 15.35 5.09
C ASP B 235 22.08 13.95 4.49
N GLU B 236 21.32 12.94 4.90
CA GLU B 236 21.44 11.54 4.42
C GLU B 236 21.48 11.51 2.88
N GLY B 237 20.65 12.37 2.25
CA GLY B 237 20.60 12.67 0.79
C GLY B 237 21.97 12.82 0.17
N ASP B 238 22.99 13.28 0.95
CA ASP B 238 24.43 13.46 0.57
C ASP B 238 24.60 14.81 -0.13
N ALA B 239 23.72 15.76 0.11
CA ALA B 239 23.86 17.16 -0.34
C ALA B 239 25.19 17.71 0.18
N ASP B 240 25.65 18.82 -0.41
CA ASP B 240 26.92 19.52 -0.06
C ASP B 240 26.63 20.53 1.04
N GLU B 241 27.65 21.05 1.74
CA GLU B 241 27.44 21.85 2.97
C GLU B 241 26.80 23.19 2.65
N VAL B 242 27.07 23.76 1.48
CA VAL B 242 26.47 25.07 1.06
C VAL B 242 24.95 24.89 0.97
N THR B 243 24.49 23.78 0.41
CA THR B 243 23.05 23.44 0.24
C THR B 243 22.42 23.23 1.63
N LYS B 244 23.03 22.40 2.48
CA LYS B 244 22.55 22.12 3.87
C LYS B 244 22.39 23.42 4.67
N GLU B 245 23.44 24.26 4.72
CA GLU B 245 23.42 25.52 5.51
C GLU B 245 22.41 26.48 4.88
N ARG B 246 22.04 26.24 3.61
CA ARG B 246 21.06 27.02 2.81
C ARG B 246 19.63 26.50 3.03
N ILE B 247 19.45 25.24 3.45
CA ILE B 247 18.14 24.66 3.86
C ILE B 247 17.89 25.03 5.33
N HIS B 248 18.95 25.02 6.15
CA HIS B 248 18.95 25.51 7.56
C HIS B 248 18.69 27.03 7.57
N ASP B 249 19.03 27.73 6.50
CA ASP B 249 18.85 29.21 6.33
C ASP B 249 17.36 29.58 6.37
N HIS B 250 16.49 28.75 5.79
CA HIS B 250 15.01 28.90 5.83
C HIS B 250 14.58 30.15 5.03
N LYS B 251 15.34 30.55 3.99
CA LYS B 251 15.09 31.77 3.17
C LYS B 251 14.42 31.42 1.83
N GLU B 252 14.81 30.32 1.18
CA GLU B 252 14.24 29.85 -0.11
C GLU B 252 13.54 28.51 0.09
N LYS B 253 12.44 28.29 -0.65
CA LYS B 253 11.61 27.07 -0.59
C LYS B 253 12.31 25.92 -1.32
N PRO B 254 12.81 24.89 -0.60
CA PRO B 254 13.37 23.70 -1.25
C PRO B 254 12.22 22.81 -1.75
N GLY B 255 12.25 22.33 -2.99
CA GLY B 255 11.09 21.59 -3.57
C GLY B 255 11.39 20.10 -3.63
N ALA B 256 12.48 19.68 -4.28
CA ALA B 256 12.75 18.27 -4.55
C ALA B 256 14.24 17.92 -4.49
N LEU B 257 14.52 16.70 -4.08
CA LEU B 257 15.86 16.10 -4.00
C LEU B 257 16.05 15.17 -5.20
N TRP B 258 17.03 15.45 -6.08
CA TRP B 258 17.36 14.64 -7.25
C TRP B 258 18.65 13.86 -6.98
N HIS B 259 18.78 12.68 -7.54
CA HIS B 259 20.08 12.01 -7.82
C HIS B 259 20.18 11.78 -9.33
N ILE B 260 21.26 12.29 -9.93
CA ILE B 260 21.52 12.20 -11.39
C ILE B 260 22.89 11.53 -11.59
N TYR B 261 22.95 10.56 -12.50
CA TYR B 261 24.18 9.78 -12.87
C TYR B 261 24.58 10.06 -14.32
N ALA B 262 25.90 9.98 -14.61
CA ALA B 262 26.40 10.14 -15.99
C ALA B 262 25.85 9.07 -16.94
N ALA B 263 25.50 9.45 -18.17
CA ALA B 263 25.05 8.48 -19.21
C ALA B 263 26.06 7.31 -19.32
N LYS B 264 27.36 7.56 -19.18
CA LYS B 264 28.37 6.46 -19.34
C LYS B 264 28.37 5.48 -18.18
N ASP B 265 27.71 5.80 -17.05
CA ASP B 265 27.64 4.92 -15.83
C ASP B 265 26.36 4.07 -15.84
N ALA B 266 25.49 4.17 -16.86
CA ALA B 266 24.19 3.45 -16.86
C ALA B 266 24.42 1.93 -16.73
N GLU B 267 25.36 1.33 -17.46
CA GLU B 267 25.47 -0.16 -17.51
C GLU B 267 25.96 -0.66 -16.14
N LYS B 268 26.82 0.10 -15.47
CA LYS B 268 27.31 -0.31 -14.11
C LYS B 268 26.15 -0.24 -13.13
N ILE B 269 25.23 0.71 -13.29
CA ILE B 269 24.02 0.77 -12.42
C ILE B 269 23.16 -0.46 -12.71
N ARG B 270 23.05 -0.85 -13.99
CA ARG B 270 22.22 -2.02 -14.38
C ARG B 270 22.84 -3.27 -13.72
N GLU B 271 24.17 -3.38 -13.74
CA GLU B 271 24.89 -4.53 -13.12
C GLU B 271 24.51 -4.62 -11.65
N LEU B 272 24.64 -3.53 -10.89
CA LEU B 272 24.30 -3.47 -9.43
C LEU B 272 22.87 -3.96 -9.22
N LEU B 273 21.89 -3.42 -9.96
CA LEU B 273 20.44 -3.69 -9.72
C LEU B 273 20.02 -5.08 -10.22
N ARG B 274 20.70 -5.67 -11.21
CA ARG B 274 20.49 -7.10 -11.53
C ARG B 274 20.91 -7.95 -10.30
N LYS B 275 22.09 -7.68 -9.73
CA LYS B 275 22.58 -8.42 -8.53
C LYS B 275 21.58 -8.26 -7.38
N VAL B 276 21.20 -7.02 -7.04
CA VAL B 276 20.36 -6.75 -5.85
C VAL B 276 18.98 -7.41 -6.06
N GLY B 277 18.49 -7.37 -7.30
CA GLY B 277 17.23 -8.02 -7.68
C GLY B 277 17.27 -9.50 -7.36
N GLU B 278 18.39 -10.16 -7.70
CA GLU B 278 18.62 -11.61 -7.45
C GLU B 278 18.50 -11.87 -5.94
N GLU B 279 19.24 -11.09 -5.14
CA GLU B 279 19.30 -11.21 -3.65
C GLU B 279 17.90 -11.06 -3.03
N GLN B 280 16.94 -10.44 -3.71
CA GLN B 280 15.59 -10.12 -3.15
C GLN B 280 14.53 -11.07 -3.73
N GLY B 281 14.90 -12.11 -4.47
CA GLY B 281 13.93 -13.13 -4.92
C GLY B 281 13.60 -13.03 -6.39
N GLN B 282 13.50 -11.82 -6.95
CA GLN B 282 13.15 -11.59 -8.38
C GLN B 282 13.82 -12.66 -9.27
N GLU B 283 13.09 -13.22 -10.23
CA GLU B 283 13.65 -14.15 -11.25
C GLU B 283 13.68 -13.41 -12.59
N ASN B 284 14.85 -12.89 -12.96
CA ASN B 284 15.02 -11.96 -14.11
C ASN B 284 16.02 -12.57 -15.08
N PRO B 285 15.73 -12.52 -16.40
CA PRO B 285 16.74 -12.83 -17.41
C PRO B 285 18.06 -12.08 -17.17
N PRO B 286 19.21 -12.58 -17.67
CA PRO B 286 20.48 -11.86 -17.51
C PRO B 286 20.50 -10.56 -18.33
N ASP B 287 19.60 -10.48 -19.33
CA ASP B 287 19.41 -9.36 -20.30
C ASP B 287 18.71 -8.18 -19.62
N HIS B 288 17.86 -8.50 -18.63
CA HIS B 288 16.90 -7.60 -17.96
C HIS B 288 17.49 -6.19 -17.72
N ASP B 289 16.67 -5.16 -17.95
CA ASP B 289 17.09 -3.74 -17.85
C ASP B 289 16.30 -3.09 -16.71
N PRO B 290 16.88 -3.02 -15.50
CA PRO B 290 16.20 -2.43 -14.35
C PRO B 290 16.01 -0.90 -14.45
N ILE B 291 16.76 -0.21 -15.33
CA ILE B 291 16.53 1.25 -15.58
C ILE B 291 15.27 1.38 -16.45
N HIS B 292 15.15 0.62 -17.54
CA HIS B 292 13.90 0.59 -18.35
C HIS B 292 12.68 0.22 -17.48
N ASP B 293 12.83 -0.68 -16.51
CA ASP B 293 11.71 -1.12 -15.63
C ASP B 293 11.12 0.02 -14.80
N GLN B 294 11.91 1.06 -14.47
CA GLN B 294 11.45 2.22 -13.67
C GLN B 294 10.83 1.74 -12.33
N SER B 295 11.38 0.70 -11.71
CA SER B 295 10.84 0.10 -10.47
C SER B 295 11.75 0.33 -9.26
N TRP B 296 12.90 1.00 -9.41
CA TRP B 296 13.90 1.21 -8.35
C TRP B 296 13.99 2.67 -7.88
N TYR B 297 14.18 2.84 -6.58
CA TYR B 297 14.65 4.11 -6.01
C TYR B 297 15.91 3.80 -5.21
N LEU B 298 17.03 4.45 -5.55
CA LEU B 298 18.31 4.23 -4.83
C LEU B 298 18.32 4.98 -3.51
N ASP B 299 18.16 4.25 -2.39
CA ASP B 299 18.18 4.83 -1.02
C ASP B 299 19.64 4.94 -0.56
N GLN B 300 19.88 5.41 0.66
CA GLN B 300 21.29 5.64 1.12
C GLN B 300 22.09 4.34 0.98
N THR B 301 21.51 3.20 1.35
CA THR B 301 22.24 1.89 1.31
C THR B 301 22.70 1.61 -0.12
N LEU B 302 21.80 1.71 -1.10
CA LEU B 302 22.12 1.36 -2.52
C LEU B 302 23.12 2.40 -3.11
N ARG B 303 22.96 3.69 -2.81
CA ARG B 303 23.89 4.76 -3.29
C ARG B 303 25.32 4.45 -2.78
N LYS B 304 25.46 4.14 -1.50
CA LYS B 304 26.78 3.84 -0.87
C LYS B 304 27.42 2.62 -1.54
N ARG B 305 26.67 1.55 -1.77
CA ARG B 305 27.10 0.29 -2.44
C ARG B 305 27.44 0.55 -3.92
N LEU B 306 26.66 1.38 -4.63
CA LEU B 306 27.00 1.79 -6.03
C LEU B 306 28.40 2.40 -6.02
N TYR B 307 28.68 3.31 -5.09
CA TYR B 307 29.99 4.03 -5.02
C TYR B 307 31.12 3.03 -4.73
N GLU B 308 30.96 2.30 -3.63
N GLU B 308 30.96 2.23 -3.67
CA GLU B 308 31.91 1.29 -3.08
CA GLU B 308 32.03 1.35 -3.13
C GLU B 308 32.32 0.32 -4.20
C GLU B 308 32.34 0.23 -4.13
N GLU B 309 31.36 -0.31 -4.87
CA GLU B 309 31.62 -1.46 -5.76
C GLU B 309 32.10 -0.98 -7.13
N TYR B 310 31.37 -0.08 -7.79
CA TYR B 310 31.60 0.23 -9.24
C TYR B 310 32.26 1.62 -9.42
N GLY B 311 32.47 2.37 -8.34
CA GLY B 311 33.12 3.70 -8.36
C GLY B 311 32.28 4.75 -9.09
N VAL B 312 31.06 5.00 -8.62
CA VAL B 312 30.04 5.90 -9.25
C VAL B 312 29.51 6.87 -8.19
N GLN B 313 29.75 8.17 -8.36
CA GLN B 313 29.45 9.20 -7.34
C GLN B 313 28.06 9.78 -7.55
N GLY B 314 27.67 10.07 -8.79
CA GLY B 314 26.38 10.78 -9.02
C GLY B 314 26.33 12.16 -8.37
N TRP B 315 25.32 12.96 -8.71
CA TRP B 315 25.09 14.35 -8.26
C TRP B 315 23.81 14.39 -7.40
N ALA B 316 23.89 14.82 -6.14
CA ALA B 316 22.73 15.08 -5.25
C ALA B 316 22.40 16.56 -5.32
N ILE B 317 21.26 16.87 -5.90
CA ILE B 317 20.84 18.27 -6.20
C ILE B 317 19.52 18.53 -5.48
N VAL B 318 19.43 19.64 -4.76
CA VAL B 318 18.15 20.19 -4.25
C VAL B 318 17.67 21.27 -5.20
N GLN B 319 16.51 21.01 -5.82
CA GLN B 319 15.88 21.96 -6.73
C GLN B 319 14.98 22.86 -5.88
N PHE B 320 15.34 24.13 -5.74
CA PHE B 320 14.47 25.12 -5.05
C PHE B 320 13.46 25.76 -6.02
N LEU B 321 12.50 26.53 -5.51
CA LEU B 321 11.56 27.33 -6.35
C LEU B 321 12.36 28.18 -7.36
N GLY B 322 12.05 28.02 -8.64
CA GLY B 322 12.70 28.81 -9.72
C GLY B 322 13.93 28.14 -10.32
N ASP B 323 14.36 27.01 -9.80
CA ASP B 323 15.58 26.33 -10.32
C ASP B 323 15.18 25.50 -11.56
N ALA B 324 15.93 25.65 -12.65
CA ALA B 324 15.85 24.79 -13.85
C ALA B 324 17.02 23.82 -13.85
N VAL B 325 16.73 22.52 -13.91
CA VAL B 325 17.71 21.44 -13.97
C VAL B 325 17.79 20.94 -15.41
N PHE B 326 19.01 20.97 -15.97
CA PHE B 326 19.32 20.45 -17.34
C PHE B 326 19.84 19.03 -17.18
N ILE B 327 19.20 18.09 -17.86
CA ILE B 327 19.45 16.62 -17.76
C ILE B 327 19.92 16.10 -19.11
N PRO B 328 21.16 15.61 -19.24
CA PRO B 328 21.62 15.05 -20.52
C PRO B 328 20.86 13.78 -20.94
N ALA B 329 20.62 13.65 -22.25
CA ALA B 329 20.02 12.43 -22.85
C ALA B 329 20.77 11.18 -22.26
N GLY B 330 20.01 10.26 -21.70
CA GLY B 330 20.56 8.96 -21.26
C GLY B 330 21.20 9.04 -19.87
N ALA B 331 21.18 10.18 -19.18
CA ALA B 331 21.70 10.29 -17.78
C ALA B 331 20.61 9.68 -16.88
N PRO B 332 20.83 8.55 -16.19
CA PRO B 332 19.80 8.03 -15.27
C PRO B 332 19.57 8.99 -14.11
N HIS B 333 18.31 9.07 -13.66
CA HIS B 333 17.93 10.03 -12.61
C HIS B 333 16.65 9.59 -11.88
N GLN B 334 16.56 10.05 -10.64
CA GLN B 334 15.40 9.84 -9.72
C GLN B 334 15.08 11.16 -9.03
N VAL B 335 13.82 11.33 -8.58
CA VAL B 335 13.33 12.54 -7.90
C VAL B 335 12.52 12.17 -6.65
N HIS B 336 12.76 12.92 -5.56
CA HIS B 336 12.08 12.72 -4.24
C HIS B 336 11.59 14.08 -3.76
N ASN B 337 10.27 14.33 -3.82
CA ASN B 337 9.69 15.62 -3.44
C ASN B 337 9.80 15.78 -1.90
N LEU B 338 10.45 16.86 -1.48
CA LEU B 338 10.56 17.27 -0.06
C LEU B 338 9.26 17.94 0.40
N TYR B 339 8.71 18.83 -0.39
CA TYR B 339 7.38 19.45 -0.21
C TYR B 339 6.55 19.24 -1.48
N SER B 340 5.31 19.73 -1.51
CA SER B 340 4.41 19.59 -2.68
C SER B 340 4.98 20.47 -3.81
N CYS B 341 5.09 19.93 -5.02
CA CYS B 341 5.80 20.60 -6.16
C CYS B 341 4.97 20.64 -7.44
N ILE B 342 5.02 21.79 -8.13
CA ILE B 342 4.59 21.91 -9.54
C ILE B 342 5.86 22.11 -10.40
N LYS B 343 6.14 21.15 -11.27
CA LYS B 343 7.33 21.26 -12.19
C LYS B 343 6.83 21.24 -13.64
N VAL B 344 7.53 21.93 -14.56
CA VAL B 344 7.22 21.85 -16.01
C VAL B 344 8.52 21.52 -16.74
N ALA B 345 8.50 20.50 -17.60
CA ALA B 345 9.71 20.05 -18.36
C ALA B 345 9.51 20.19 -19.88
N GLU B 346 10.58 20.54 -20.61
CA GLU B 346 10.62 20.58 -22.10
C GLU B 346 11.79 19.73 -22.59
N ASP B 347 11.53 18.80 -23.51
CA ASP B 347 12.59 18.00 -24.20
C ASP B 347 13.18 18.82 -25.36
N PHE B 348 14.46 18.56 -25.70
CA PHE B 348 15.16 19.20 -26.84
C PHE B 348 16.27 18.23 -27.30
N VAL B 349 16.97 18.57 -28.39
CA VAL B 349 18.12 17.78 -28.91
C VAL B 349 19.30 18.72 -29.20
N SER B 350 20.35 18.66 -28.37
CA SER B 350 21.59 19.45 -28.59
C SER B 350 22.52 18.71 -29.56
N PRO B 351 23.30 19.43 -30.37
CA PRO B 351 24.34 18.80 -31.18
C PRO B 351 25.36 17.94 -30.40
N GLU B 352 25.71 18.40 -29.20
CA GLU B 352 26.69 17.72 -28.31
C GLU B 352 26.23 16.27 -28.09
N HIS B 353 24.90 16.04 -28.00
CA HIS B 353 24.36 14.73 -27.57
C HIS B 353 23.59 14.00 -28.70
N VAL B 354 23.70 14.45 -29.96
CA VAL B 354 22.90 13.86 -31.06
C VAL B 354 23.22 12.38 -31.31
N LYS B 355 24.47 11.96 -31.15
CA LYS B 355 24.83 10.53 -31.35
C LYS B 355 24.09 9.69 -30.28
N HIS B 356 24.14 10.13 -29.03
CA HIS B 356 23.45 9.46 -27.90
C HIS B 356 21.96 9.34 -28.21
N CYS B 357 21.31 10.44 -28.63
CA CYS B 357 19.89 10.44 -28.98
C CYS B 357 19.55 9.31 -29.99
N PHE B 358 20.32 9.14 -31.04
CA PHE B 358 20.12 8.06 -32.06
C PHE B 358 20.20 6.68 -31.36
N ARG B 359 21.22 6.45 -30.56
CA ARG B 359 21.45 5.13 -29.92
C ARG B 359 20.36 4.85 -28.88
N LEU B 360 19.98 5.85 -28.09
CA LEU B 360 18.89 5.68 -27.09
C LEU B 360 17.54 5.43 -27.76
N THR B 361 17.23 6.10 -28.88
CA THR B 361 15.98 5.87 -29.63
C THR B 361 15.98 4.42 -30.14
N GLN B 362 17.11 3.97 -30.67
CA GLN B 362 17.24 2.58 -31.20
C GLN B 362 16.92 1.60 -30.05
N GLU B 363 17.55 1.79 -28.87
CA GLU B 363 17.41 0.90 -27.69
C GLU B 363 15.95 0.95 -27.20
N PHE B 364 15.30 2.15 -27.14
CA PHE B 364 13.88 2.28 -26.73
C PHE B 364 13.01 1.40 -27.62
N ARG B 365 13.16 1.49 -28.94
CA ARG B 365 12.36 0.69 -29.91
C ARG B 365 12.59 -0.83 -29.70
N HIS B 366 13.84 -1.24 -29.48
CA HIS B 366 14.21 -2.66 -29.18
C HIS B 366 13.51 -3.14 -27.90
N LEU B 367 13.54 -2.36 -26.82
CA LEU B 367 12.94 -2.79 -25.53
C LEU B 367 11.42 -2.71 -25.58
N SER B 368 10.86 -2.02 -26.57
CA SER B 368 9.41 -1.87 -26.84
C SER B 368 8.78 -3.24 -27.16
N ASN B 369 9.35 -3.98 -28.12
CA ASN B 369 8.82 -5.28 -28.63
C ASN B 369 9.89 -6.37 -28.47
C1 MPV C . -17.84 -32.22 20.54
C2 MPV C . -16.76 -31.93 21.42
N3 MPV C . -15.78 -32.88 21.19
N4 MPV C . -16.17 -33.77 20.17
C5 MPV C . -17.40 -33.34 19.78
C6 MPV C . -18.12 -34.00 18.73
S7 MPV C . -19.71 -33.53 18.26
C8 MPV C . -19.74 -34.71 17.02
C9 MPV C . -18.61 -35.43 16.97
C10 MPV C . -17.67 -35.04 17.97
C11 MPV C . -14.51 -32.98 21.88
N12 MPV C . -16.64 -30.90 22.32
CL CL D . -30.91 -11.32 2.18
CL CL E . -12.60 -27.29 -6.76
CL CL F . -2.43 -12.47 13.09
CL CL G . -21.12 1.51 12.13
MN MN H . -10.85 -9.86 9.95
C1 MPV I . 12.10 27.28 3.81
C2 MPV I . 12.06 26.09 4.53
N3 MPV I . 10.76 26.00 5.08
N4 MPV I . 9.99 27.08 4.73
C5 MPV I . 10.82 27.87 3.94
C6 MPV I . 10.43 29.11 3.36
S7 MPV I . 8.82 29.64 3.40
C8 MPV I . 9.19 31.02 2.48
C9 MPV I . 10.50 31.08 2.14
C10 MPV I . 11.24 29.96 2.66
C11 MPV I . 10.21 24.93 5.91
N12 MPV I . 13.09 25.21 4.68
C1 MPV J . 35.71 1.12 -7.41
C2 MPV J . 35.96 0.51 -8.65
N3 MPV J . 36.67 1.45 -9.42
N4 MPV J . 36.85 2.61 -8.74
C5 MPV J . 36.27 2.42 -7.52
C6 MPV J . 36.22 3.45 -6.58
S7 MPV J . 36.82 5.03 -6.93
C8 MPV J . 36.31 5.61 -5.44
C9 MPV J . 35.69 4.65 -4.70
C10 MPV J . 35.64 3.39 -5.36
C11 MPV J . 37.19 1.32 -10.79
N12 MPV J . 35.55 -0.71 -9.06
CL CL K . -3.96 29.04 -19.64
MN MN L . 13.20 12.02 -16.58
#